data_5GGI
#
_entry.id   5GGI
#
_cell.length_a   68.162
_cell.length_b   126.539
_cell.length_c   172.865
_cell.angle_alpha   90.00
_cell.angle_beta   90.00
_cell.angle_gamma   90.00
#
_symmetry.space_group_name_H-M   'P 2 21 21'
#
loop_
_entity.id
_entity.type
_entity.pdbx_description
1 polymer 'Protein O-linked-mannose beta-1,2-N-acetylglucosaminyltransferase 1'
2 polymer mannosyl-peptide
3 non-polymer "URIDINE-5'-DIPHOSPHATE"
4 non-polymer 'MANGANESE (II) ION'
5 non-polymer 'PHOSPHATE ION'
6 non-polymer alpha-D-mannopyranose
7 water water
#
loop_
_entity_poly.entity_id
_entity_poly.type
_entity_poly.pdbx_seq_one_letter_code
_entity_poly.pdbx_strand_id
1 'polypeptide(L)'
;GSGPRRVLDVEVYSSRSKVYVAVDGTTVLEDEAREQGRGIHVIVLNQATGHVMAKRVFDTYSPHEDEAMVLFLNMVAPGR
VLICTVKDEGSFHLKDTAKALLRSLGSQAGPALGWRDTWAFVGRKGGPVFGEKHSKSPALSSWGDPVLLKTDVPLSSAEE
AECHWADTELNRRRRRFCSKVEGYGSVCSCKDPTPIEFSPDPLPDNKVLNVPVAVIAGNRPNYLYRMLRSLLSAQGVSPQ
MITVFIDGYYEEPMDVVALFGLRGIQHTPISIKNARVSQHYKASLTATFNLFPEAKFAVVLEEDLDIAVDFFSFLSQSIH
LLEEDDSLYCISAWNDQGYEHTAEDPALLYRVETMPGLGWVLRRSLYKEELEPKWPTPEKLWDWDMWMRMPEQRRGRECI
IPDVSRSYHFGIVGLNMNGYFHEAYFKKHKFNTVPGVQLRNVDSLKKEAYEVEVHRLLSEAEVLDHSKNPCEDSFLPDTE
GHTYVAFIRMEKDDDFTTWTQLAKCLHIWDLDVRGNHRGLWRLFRKKNHFLVVGVPASPYSVKKPPSVTPIFLEPPPKEE
GAPGAPEQTLELEVLFQG
;
A,B
2 'polypeptide(L)' (ACE)AAPTPVAAP(NH2) F,G
#
# COMPACT_ATOMS: atom_id res chain seq x y z
N CYS A 163 8.12 -39.98 10.34
CA CYS A 163 6.69 -40.01 10.66
C CYS A 163 6.02 -41.35 10.46
N HIS A 164 4.75 -41.40 10.87
CA HIS A 164 3.94 -42.60 10.82
C HIS A 164 2.67 -42.37 10.01
N TRP A 165 2.80 -41.62 8.91
CA TRP A 165 1.68 -41.44 8.00
C TRP A 165 1.10 -42.78 7.59
N ALA A 166 -0.18 -42.78 7.22
CA ALA A 166 -0.85 -44.01 6.83
C ALA A 166 -0.16 -44.62 5.62
N ASP A 167 0.12 -45.92 5.70
CA ASP A 167 0.89 -46.61 4.67
C ASP A 167 0.11 -46.72 3.37
N THR A 168 0.25 -45.73 2.50
CA THR A 168 -0.32 -45.75 1.16
C THR A 168 0.77 -45.34 0.16
N GLU A 169 0.45 -45.48 -1.13
CA GLU A 169 1.42 -45.14 -2.16
C GLU A 169 1.81 -43.67 -2.08
N LEU A 170 0.84 -42.79 -1.84
CA LEU A 170 1.13 -41.36 -1.78
C LEU A 170 2.07 -41.02 -0.63
N ASN A 171 1.94 -41.70 0.50
CA ASN A 171 2.80 -41.40 1.62
C ASN A 171 4.16 -42.06 1.52
N ARG A 172 4.26 -43.24 0.89
CA ARG A 172 5.56 -43.80 0.57
C ARG A 172 6.34 -42.88 -0.36
N ARG A 173 5.67 -42.33 -1.38
CA ARG A 173 6.28 -41.29 -2.20
C ARG A 173 6.71 -40.10 -1.36
N ARG A 174 5.96 -39.80 -0.30
CA ARG A 174 6.27 -38.67 0.56
C ARG A 174 7.49 -38.95 1.44
N ARG A 175 7.65 -40.19 1.90
CA ARG A 175 8.79 -40.52 2.77
C ARG A 175 10.10 -40.35 2.02
N ARG A 176 10.19 -40.93 0.82
CA ARG A 176 11.43 -40.87 0.06
C ARG A 176 11.84 -39.43 -0.22
N PHE A 177 10.86 -38.54 -0.42
CA PHE A 177 11.16 -37.14 -0.67
C PHE A 177 11.57 -36.43 0.62
N CYS A 178 10.75 -36.54 1.66
CA CYS A 178 11.01 -35.84 2.91
C CYS A 178 12.21 -36.38 3.66
N SER A 179 12.72 -37.55 3.30
CA SER A 179 13.95 -38.07 3.89
C SER A 179 15.20 -37.48 3.28
N LYS A 180 15.08 -36.76 2.16
CA LYS A 180 16.24 -36.35 1.37
C LYS A 180 16.42 -34.84 1.28
N VAL A 181 15.34 -34.07 1.19
CA VAL A 181 15.44 -32.64 0.94
C VAL A 181 14.70 -31.88 2.04
N GLU A 182 15.05 -30.60 2.16
CA GLU A 182 14.49 -29.72 3.18
C GLU A 182 13.97 -28.45 2.52
N GLY A 183 13.18 -27.68 3.26
CA GLY A 183 12.74 -26.38 2.81
C GLY A 183 11.41 -26.35 2.09
N TYR A 184 10.55 -27.34 2.30
CA TYR A 184 9.25 -27.38 1.62
C TYR A 184 8.08 -27.39 2.59
N GLY A 185 8.33 -27.16 3.88
CA GLY A 185 7.27 -26.90 4.84
C GLY A 185 6.34 -28.05 5.13
N SER A 186 5.04 -27.81 4.96
CA SER A 186 4.00 -28.73 5.41
C SER A 186 3.95 -30.03 4.62
N VAL A 187 4.73 -30.17 3.56
CA VAL A 187 4.80 -31.47 2.89
C VAL A 187 5.42 -32.51 3.82
N CYS A 188 6.34 -32.11 4.69
CA CYS A 188 7.09 -33.04 5.51
C CYS A 188 6.63 -33.11 6.96
N SER A 189 5.65 -32.31 7.35
CA SER A 189 5.13 -32.36 8.71
C SER A 189 4.37 -33.67 8.93
N CYS A 190 4.35 -34.11 10.18
CA CYS A 190 3.80 -35.42 10.52
C CYS A 190 2.29 -35.35 10.32
N LYS A 191 1.61 -34.77 11.31
CA LYS A 191 0.27 -34.27 11.07
C LYS A 191 0.34 -33.11 10.09
N ASP A 192 -0.84 -32.68 9.64
CA ASP A 192 -1.10 -31.66 8.62
C ASP A 192 -0.32 -31.85 7.30
N PRO A 193 -0.19 -33.07 6.76
CA PRO A 193 0.54 -33.21 5.50
C PRO A 193 -0.22 -32.56 4.34
N THR A 194 0.52 -31.82 3.52
CA THR A 194 -0.10 -31.16 2.38
C THR A 194 -0.38 -32.19 1.29
N PRO A 195 -1.57 -32.16 0.69
CA PRO A 195 -1.87 -33.08 -0.42
C PRO A 195 -0.86 -32.94 -1.56
N ILE A 196 -0.30 -34.07 -1.97
CA ILE A 196 0.53 -34.13 -3.17
C ILE A 196 -0.21 -34.78 -4.33
N GLU A 197 -1.52 -34.97 -4.20
CA GLU A 197 -2.36 -35.26 -5.36
C GLU A 197 -3.57 -34.33 -5.31
N PHE A 198 -4.11 -34.07 -6.50
CA PHE A 198 -5.03 -32.98 -6.75
C PHE A 198 -6.28 -33.57 -7.39
N SER A 199 -7.38 -32.84 -7.33
CA SER A 199 -8.60 -33.23 -8.02
C SER A 199 -9.11 -32.07 -8.85
N PRO A 200 -8.46 -31.76 -9.97
CA PRO A 200 -9.00 -30.73 -10.85
C PRO A 200 -10.33 -31.17 -11.42
N ASP A 201 -11.08 -30.21 -11.91
CA ASP A 201 -12.37 -30.49 -12.51
C ASP A 201 -12.20 -31.13 -13.90
N PRO A 202 -13.15 -31.96 -14.30
CA PRO A 202 -13.15 -32.46 -15.68
C PRO A 202 -13.49 -31.37 -16.68
N LEU A 203 -12.99 -31.55 -17.90
CA LEU A 203 -13.31 -30.67 -19.02
C LEU A 203 -14.12 -31.44 -20.05
N PRO A 204 -15.44 -31.22 -20.14
CA PRO A 204 -16.25 -31.98 -21.11
C PRO A 204 -15.87 -31.62 -22.55
N ASP A 205 -15.74 -32.66 -23.37
CA ASP A 205 -15.26 -32.56 -24.74
C ASP A 205 -13.93 -31.80 -24.81
N ASN A 206 -12.85 -32.49 -24.46
CA ASN A 206 -11.52 -31.88 -24.34
C ASN A 206 -10.77 -32.10 -25.65
N LYS A 207 -10.67 -31.05 -26.47
CA LYS A 207 -9.96 -31.12 -27.74
C LYS A 207 -8.45 -31.13 -27.58
N VAL A 208 -7.95 -30.86 -26.37
CA VAL A 208 -6.52 -30.80 -26.07
C VAL A 208 -6.03 -32.06 -25.36
N LEU A 209 -6.95 -33.00 -25.10
CA LEU A 209 -6.70 -34.18 -24.27
C LEU A 209 -5.54 -35.05 -24.77
N ASN A 210 -5.12 -34.90 -26.03
CA ASN A 210 -4.03 -35.71 -26.57
C ASN A 210 -2.83 -34.87 -27.00
N VAL A 211 -2.70 -33.65 -26.47
CA VAL A 211 -1.58 -32.78 -26.78
C VAL A 211 -0.57 -32.91 -25.65
N PRO A 212 0.69 -33.29 -25.93
CA PRO A 212 1.68 -33.39 -24.86
C PRO A 212 2.12 -32.02 -24.34
N VAL A 213 2.52 -32.00 -23.08
CA VAL A 213 2.94 -30.79 -22.37
C VAL A 213 4.41 -30.94 -21.99
N ALA A 214 5.25 -30.03 -22.49
CA ALA A 214 6.69 -30.03 -22.21
C ALA A 214 7.02 -28.91 -21.23
N VAL A 215 7.48 -29.29 -20.04
CA VAL A 215 7.91 -28.35 -19.00
C VAL A 215 9.43 -28.23 -19.07
N ILE A 216 9.92 -27.02 -19.32
CA ILE A 216 11.35 -26.77 -19.44
C ILE A 216 11.87 -26.28 -18.09
N ALA A 217 12.88 -26.96 -17.56
CA ALA A 217 13.40 -26.64 -16.23
C ALA A 217 14.92 -26.77 -16.19
N GLY A 218 15.53 -25.98 -15.31
CA GLY A 218 16.94 -26.08 -14.99
C GLY A 218 17.13 -26.44 -13.52
N ASN A 219 18.03 -25.78 -12.82
CA ASN A 219 18.23 -26.07 -11.39
C ASN A 219 17.62 -24.97 -10.52
N ARG A 220 16.29 -24.95 -10.53
CA ARG A 220 15.51 -24.04 -9.70
C ARG A 220 14.38 -24.85 -9.05
N PRO A 221 14.72 -25.76 -8.15
CA PRO A 221 13.73 -26.73 -7.66
C PRO A 221 12.53 -26.10 -6.97
N ASN A 222 12.75 -24.98 -6.28
CA ASN A 222 11.64 -24.33 -5.59
CA ASN A 222 11.64 -24.32 -5.59
C ASN A 222 10.63 -23.74 -6.57
N TYR A 223 11.11 -23.15 -7.67
CA TYR A 223 10.20 -22.62 -8.68
C TYR A 223 9.40 -23.75 -9.32
N LEU A 224 10.08 -24.83 -9.69
CA LEU A 224 9.43 -25.94 -10.38
C LEU A 224 8.30 -26.53 -9.55
N TYR A 225 8.54 -26.70 -8.23
CA TYR A 225 7.49 -27.21 -7.36
C TYR A 225 6.29 -26.27 -7.32
N ARG A 226 6.54 -24.96 -7.23
CA ARG A 226 5.45 -23.99 -7.27
C ARG A 226 4.67 -24.09 -8.58
N MET A 227 5.38 -24.18 -9.70
CA MET A 227 4.69 -24.17 -10.99
C MET A 227 3.89 -25.45 -11.22
N LEU A 228 4.43 -26.60 -10.79
CA LEU A 228 3.72 -27.87 -10.99
C LEU A 228 2.43 -27.94 -10.16
N ARG A 229 2.41 -27.31 -8.98
CA ARG A 229 1.19 -27.34 -8.18
C ARG A 229 0.04 -26.65 -8.90
N SER A 230 0.31 -25.57 -9.63
CA SER A 230 -0.77 -24.90 -10.35
C SER A 230 -1.09 -25.60 -11.67
N LEU A 231 -0.10 -26.28 -12.27
CA LEU A 231 -0.36 -27.04 -13.48
C LEU A 231 -1.28 -28.22 -13.22
N LEU A 232 -1.02 -28.94 -12.13
CA LEU A 232 -1.85 -30.09 -11.75
C LEU A 232 -3.21 -29.68 -11.19
N SER A 233 -3.45 -28.38 -11.00
CA SER A 233 -4.71 -27.88 -10.48
C SER A 233 -5.62 -27.34 -11.58
N ALA A 234 -5.13 -27.22 -12.81
CA ALA A 234 -5.92 -26.67 -13.89
C ALA A 234 -6.95 -27.67 -14.38
N GLN A 235 -8.09 -27.15 -14.81
CA GLN A 235 -9.17 -28.00 -15.31
C GLN A 235 -8.76 -28.72 -16.59
N GLY A 236 -9.10 -30.01 -16.67
CA GLY A 236 -8.86 -30.78 -17.87
C GLY A 236 -7.43 -31.18 -18.12
N VAL A 237 -6.58 -31.13 -17.10
CA VAL A 237 -5.17 -31.47 -17.26
C VAL A 237 -5.03 -32.99 -17.35
N SER A 238 -4.05 -33.45 -18.12
CA SER A 238 -3.73 -34.87 -18.26
C SER A 238 -2.34 -35.14 -17.73
N PRO A 239 -2.18 -35.57 -16.48
CA PRO A 239 -0.82 -35.81 -15.94
C PRO A 239 0.02 -36.77 -16.77
N GLN A 240 -0.59 -37.72 -17.48
CA GLN A 240 0.19 -38.65 -18.30
C GLN A 240 0.90 -37.96 -19.46
N MET A 241 0.35 -36.84 -19.95
CA MET A 241 0.93 -36.17 -21.10
C MET A 241 2.08 -35.22 -20.72
N ILE A 242 2.29 -34.98 -19.42
CA ILE A 242 3.31 -34.04 -18.97
C ILE A 242 4.68 -34.70 -18.99
N THR A 243 5.68 -33.96 -19.43
CA THR A 243 7.08 -34.38 -19.36
C THR A 243 7.92 -33.20 -18.91
N VAL A 244 8.73 -33.40 -17.88
CA VAL A 244 9.60 -32.37 -17.34
C VAL A 244 11.01 -32.62 -17.85
N PHE A 245 11.55 -31.65 -18.58
CA PHE A 245 12.89 -31.72 -19.17
C PHE A 245 13.84 -30.85 -18.36
N ILE A 246 14.82 -31.48 -17.71
CA ILE A 246 15.74 -30.81 -16.80
C ILE A 246 17.09 -30.63 -17.49
N ASP A 247 17.62 -29.40 -17.45
CA ASP A 247 18.87 -29.06 -18.14
C ASP A 247 20.06 -29.41 -17.25
N GLY A 248 20.27 -30.71 -17.05
CA GLY A 248 21.34 -31.17 -16.19
C GLY A 248 20.93 -32.35 -15.34
N TYR A 249 21.83 -32.80 -14.46
CA TYR A 249 21.58 -33.97 -13.62
C TYR A 249 21.46 -33.58 -12.15
N TYR A 250 20.88 -32.42 -11.87
CA TYR A 250 20.69 -31.98 -10.50
C TYR A 250 19.68 -32.86 -9.79
N GLU A 251 19.97 -33.18 -8.52
CA GLU A 251 19.18 -34.17 -7.80
C GLU A 251 17.82 -33.63 -7.36
N GLU A 252 17.82 -32.44 -6.75
CA GLU A 252 16.57 -31.93 -6.18
C GLU A 252 15.46 -31.72 -7.20
N PRO A 253 15.71 -31.18 -8.40
CA PRO A 253 14.62 -31.11 -9.40
C PRO A 253 14.03 -32.48 -9.73
N MET A 254 14.87 -33.50 -9.91
CA MET A 254 14.35 -34.83 -10.17
C MET A 254 13.55 -35.35 -8.99
N ASP A 255 13.96 -35.02 -7.76
CA ASP A 255 13.19 -35.42 -6.59
C ASP A 255 11.80 -34.80 -6.59
N VAL A 256 11.69 -33.53 -6.99
CA VAL A 256 10.39 -32.86 -7.02
C VAL A 256 9.48 -33.51 -8.05
N VAL A 257 10.02 -33.82 -9.22
CA VAL A 257 9.22 -34.50 -10.25
C VAL A 257 8.72 -35.84 -9.74
N ALA A 258 9.58 -36.56 -9.00
CA ALA A 258 9.18 -37.86 -8.46
C ALA A 258 8.08 -37.73 -7.42
N LEU A 259 8.06 -36.64 -6.65
CA LEU A 259 7.08 -36.52 -5.57
C LEU A 259 5.65 -36.43 -6.13
N PHE A 260 5.48 -35.79 -7.29
CA PHE A 260 4.19 -35.72 -7.95
C PHE A 260 3.94 -36.92 -8.87
N GLY A 261 4.92 -37.78 -9.07
CA GLY A 261 4.76 -38.95 -9.91
C GLY A 261 4.66 -38.67 -11.39
N LEU A 262 5.43 -37.72 -11.90
CA LEU A 262 5.45 -37.40 -13.32
C LEU A 262 6.71 -37.95 -13.98
N ARG A 263 6.71 -37.90 -15.31
CA ARG A 263 7.84 -38.36 -16.11
C ARG A 263 8.90 -37.27 -16.22
N GLY A 264 10.14 -37.63 -15.95
CA GLY A 264 11.26 -36.70 -16.05
C GLY A 264 12.32 -37.18 -17.03
N ILE A 265 12.93 -36.24 -17.74
CA ILE A 265 13.98 -36.53 -18.70
C ILE A 265 15.16 -35.59 -18.44
N GLN A 266 16.34 -36.17 -18.24
CA GLN A 266 17.56 -35.41 -17.98
C GLN A 266 18.34 -35.17 -19.27
N HIS A 267 19.04 -34.05 -19.32
CA HIS A 267 19.77 -33.63 -20.50
C HIS A 267 21.13 -33.10 -20.07
N THR A 268 22.19 -33.53 -20.72
CA THR A 268 23.52 -32.99 -20.43
C THR A 268 23.64 -31.59 -21.05
N PRO A 269 24.02 -30.58 -20.28
CA PRO A 269 24.03 -29.21 -20.81
C PRO A 269 25.06 -29.04 -21.93
N ILE A 270 24.69 -28.25 -22.93
CA ILE A 270 25.54 -27.94 -24.07
C ILE A 270 25.73 -26.42 -24.13
N SER A 271 26.99 -26.00 -24.25
CA SER A 271 27.37 -24.60 -24.41
C SER A 271 27.05 -23.78 -23.16
N ILE A 272 27.04 -22.45 -23.29
CA ILE A 272 26.98 -21.55 -22.14
C ILE A 272 25.93 -20.46 -22.36
N LYS A 273 25.52 -19.84 -21.25
CA LYS A 273 24.66 -18.64 -21.22
C LYS A 273 23.38 -18.91 -22.01
N ASN A 274 22.95 -17.99 -22.87
CA ASN A 274 21.68 -18.15 -23.58
C ASN A 274 21.76 -19.22 -24.66
N ALA A 275 22.94 -19.41 -25.24
CA ALA A 275 23.11 -20.49 -26.22
C ALA A 275 22.73 -21.83 -25.61
N ARG A 276 22.98 -22.01 -24.31
CA ARG A 276 22.70 -23.29 -23.67
C ARG A 276 21.20 -23.46 -23.41
N VAL A 277 20.52 -22.38 -23.02
CA VAL A 277 19.06 -22.42 -22.97
C VAL A 277 18.49 -22.80 -24.33
N SER A 278 19.09 -22.25 -25.39
CA SER A 278 18.61 -22.53 -26.74
C SER A 278 18.76 -24.02 -27.07
N GLN A 279 19.93 -24.60 -26.76
CA GLN A 279 20.15 -26.01 -27.09
C GLN A 279 19.26 -26.93 -26.26
N HIS A 280 18.92 -26.54 -25.04
CA HIS A 280 18.01 -27.34 -24.24
C HIS A 280 16.61 -27.36 -24.84
N TYR A 281 16.13 -26.19 -25.28
CA TYR A 281 14.83 -26.10 -25.95
C TYR A 281 14.77 -27.02 -27.16
N LYS A 282 15.81 -26.98 -28.01
CA LYS A 282 15.82 -27.81 -29.20
C LYS A 282 15.80 -29.30 -28.85
N ALA A 283 16.55 -29.70 -27.80
CA ALA A 283 16.52 -31.10 -27.40
C ALA A 283 15.15 -31.48 -26.84
N SER A 284 14.51 -30.58 -26.10
CA SER A 284 13.23 -30.92 -25.48
C SER A 284 12.12 -31.01 -26.52
N LEU A 285 12.11 -30.10 -27.50
CA LEU A 285 11.07 -30.13 -28.52
C LEU A 285 11.21 -31.35 -29.41
N THR A 286 12.44 -31.70 -29.78
CA THR A 286 12.67 -32.91 -30.57
C THR A 286 12.32 -34.17 -29.79
N ALA A 287 12.52 -34.14 -28.47
CA ALA A 287 12.17 -35.30 -27.65
C ALA A 287 10.65 -35.45 -27.52
N THR A 288 9.94 -34.33 -27.30
CA THR A 288 8.50 -34.39 -27.17
C THR A 288 7.84 -35.05 -28.38
N PHE A 289 8.22 -34.62 -29.59
CA PHE A 289 7.62 -35.21 -30.77
C PHE A 289 8.15 -36.61 -31.06
N ASN A 290 9.25 -37.04 -30.44
CA ASN A 290 9.64 -38.44 -30.50
C ASN A 290 8.87 -39.28 -29.49
N LEU A 291 8.53 -38.71 -28.32
CA LEU A 291 7.76 -39.45 -27.32
C LEU A 291 6.36 -39.79 -27.83
N PHE A 292 5.73 -38.86 -28.57
CA PHE A 292 4.40 -39.06 -29.14
C PHE A 292 4.46 -38.84 -30.64
N PRO A 293 4.71 -39.90 -31.42
CA PRO A 293 4.85 -39.72 -32.89
C PRO A 293 3.59 -39.23 -33.58
N GLU A 294 2.42 -39.34 -32.94
CA GLU A 294 1.16 -38.97 -33.57
C GLU A 294 0.65 -37.60 -33.13
N ALA A 295 1.33 -36.94 -32.20
CA ALA A 295 0.90 -35.63 -31.77
C ALA A 295 1.19 -34.59 -32.84
N LYS A 296 0.25 -33.67 -33.03
CA LYS A 296 0.41 -32.63 -34.03
C LYS A 296 0.72 -31.26 -33.44
N PHE A 297 0.52 -31.09 -32.13
CA PHE A 297 0.90 -29.88 -31.41
C PHE A 297 1.60 -30.28 -30.12
N ALA A 298 2.18 -29.28 -29.46
CA ALA A 298 2.78 -29.48 -28.15
C ALA A 298 2.74 -28.16 -27.38
N VAL A 299 2.33 -28.24 -26.12
CA VAL A 299 2.32 -27.10 -25.22
C VAL A 299 3.69 -26.99 -24.55
N VAL A 300 4.28 -25.80 -24.57
CA VAL A 300 5.61 -25.53 -24.03
C VAL A 300 5.45 -24.62 -22.82
N LEU A 301 5.92 -25.07 -21.66
CA LEU A 301 5.77 -24.33 -20.40
C LEU A 301 7.11 -24.16 -19.70
N GLU A 302 7.36 -22.94 -19.22
CA GLU A 302 8.54 -22.68 -18.39
C GLU A 302 8.27 -23.04 -16.93
N GLU A 303 9.34 -23.35 -16.21
CA GLU A 303 9.23 -23.80 -14.82
C GLU A 303 8.91 -22.67 -13.85
N ASP A 304 8.94 -21.42 -14.28
CA ASP A 304 8.72 -20.28 -13.40
C ASP A 304 7.42 -19.54 -13.72
N LEU A 305 6.39 -20.28 -14.13
CA LEU A 305 5.09 -19.71 -14.47
C LEU A 305 4.02 -20.28 -13.54
N ASP A 306 3.16 -19.42 -13.02
CA ASP A 306 1.89 -19.89 -12.51
C ASP A 306 0.94 -20.13 -13.68
N ILE A 307 0.19 -21.22 -13.62
CA ILE A 307 -0.72 -21.61 -14.68
C ILE A 307 -2.15 -21.32 -14.23
N ALA A 308 -2.90 -20.62 -15.08
CA ALA A 308 -4.28 -20.26 -14.75
C ALA A 308 -5.15 -21.51 -14.64
N VAL A 309 -6.19 -21.41 -13.82
CA VAL A 309 -7.07 -22.55 -13.57
C VAL A 309 -7.86 -22.95 -14.81
N ASP A 310 -7.94 -22.07 -15.82
CA ASP A 310 -8.65 -22.37 -17.06
C ASP A 310 -7.70 -22.39 -18.26
N PHE A 311 -6.42 -22.71 -18.02
CA PHE A 311 -5.44 -22.72 -19.10
C PHE A 311 -5.82 -23.70 -20.20
N PHE A 312 -6.26 -24.91 -19.83
CA PHE A 312 -6.57 -25.91 -20.84
C PHE A 312 -7.95 -25.71 -21.44
N SER A 313 -8.89 -25.15 -20.68
CA SER A 313 -10.15 -24.72 -21.26
C SER A 313 -9.93 -23.67 -22.34
N PHE A 314 -8.95 -22.78 -22.12
CA PHE A 314 -8.61 -21.78 -23.12
C PHE A 314 -8.00 -22.40 -24.37
N LEU A 315 -7.10 -23.38 -24.20
CA LEU A 315 -6.49 -24.02 -25.36
C LEU A 315 -7.49 -24.90 -26.09
N SER A 316 -8.38 -25.56 -25.36
CA SER A 316 -9.34 -26.48 -25.98
C SER A 316 -10.26 -25.75 -26.96
N GLN A 317 -10.63 -24.51 -26.64
CA GLN A 317 -11.56 -23.78 -27.48
C GLN A 317 -10.90 -23.08 -28.66
N SER A 318 -9.58 -22.92 -28.64
CA SER A 318 -8.88 -22.19 -29.68
C SER A 318 -7.91 -23.03 -30.51
N ILE A 319 -7.62 -24.27 -30.09
CA ILE A 319 -6.63 -25.09 -30.78
C ILE A 319 -7.04 -25.37 -32.23
N HIS A 320 -8.34 -25.33 -32.54
CA HIS A 320 -8.78 -25.59 -33.91
C HIS A 320 -8.42 -24.45 -34.86
N LEU A 321 -8.00 -23.29 -34.35
CA LEU A 321 -7.57 -22.20 -35.23
C LEU A 321 -6.22 -22.51 -35.85
N LEU A 322 -5.30 -23.10 -35.08
CA LEU A 322 -4.01 -23.50 -35.66
C LEU A 322 -4.18 -24.51 -36.77
N GLU A 323 -5.20 -25.38 -36.65
CA GLU A 323 -5.38 -26.45 -37.62
C GLU A 323 -5.98 -25.95 -38.93
N GLU A 324 -6.73 -24.84 -38.89
CA GLU A 324 -7.47 -24.38 -40.05
C GLU A 324 -6.89 -23.14 -40.71
N ASP A 325 -6.08 -22.36 -40.01
CA ASP A 325 -5.54 -21.10 -40.52
C ASP A 325 -4.04 -21.24 -40.66
N ASP A 326 -3.55 -21.24 -41.91
CA ASP A 326 -2.13 -21.38 -42.20
C ASP A 326 -1.35 -20.10 -41.94
N SER A 327 -2.02 -18.98 -41.69
CA SER A 327 -1.35 -17.73 -41.37
C SER A 327 -0.98 -17.60 -39.90
N LEU A 328 -1.34 -18.58 -39.08
CA LEU A 328 -1.09 -18.51 -37.64
C LEU A 328 0.25 -19.16 -37.30
N TYR A 329 1.05 -18.44 -36.51
CA TYR A 329 2.34 -18.93 -36.03
C TYR A 329 2.19 -19.82 -34.81
N CYS A 330 1.34 -19.43 -33.87
CA CYS A 330 1.23 -20.11 -32.59
C CYS A 330 -0.01 -19.62 -31.86
N ILE A 331 -0.22 -20.16 -30.66
CA ILE A 331 -1.19 -19.67 -29.69
C ILE A 331 -0.43 -19.47 -28.38
N SER A 332 -0.63 -18.32 -27.75
CA SER A 332 0.08 -17.99 -26.53
C SER A 332 -0.90 -17.63 -25.43
N ALA A 333 -0.52 -17.93 -24.19
CA ALA A 333 -1.33 -17.56 -23.04
C ALA A 333 -1.03 -16.14 -22.54
N TRP A 334 -0.03 -15.47 -23.11
CA TRP A 334 0.55 -14.27 -22.55
C TRP A 334 0.28 -13.08 -23.48
N ASN A 335 -0.32 -12.03 -22.94
CA ASN A 335 -0.54 -10.78 -23.66
C ASN A 335 0.45 -9.75 -23.13
N ASP A 336 1.40 -9.35 -23.98
CA ASP A 336 2.48 -8.46 -23.55
C ASP A 336 1.98 -7.13 -23.01
N GLN A 337 0.79 -6.69 -23.44
CA GLN A 337 0.26 -5.40 -23.01
C GLN A 337 -0.94 -5.55 -22.08
N GLY A 338 -1.14 -6.74 -21.51
CA GLY A 338 -2.24 -6.95 -20.59
C GLY A 338 -1.90 -6.70 -19.14
N TYR A 339 -1.81 -5.43 -18.75
CA TYR A 339 -1.52 -5.08 -17.36
C TYR A 339 -2.82 -4.89 -16.59
N GLU A 340 -2.67 -4.81 -15.26
CA GLU A 340 -3.82 -4.77 -14.36
C GLU A 340 -4.80 -3.67 -14.71
N HIS A 341 -4.31 -2.56 -15.27
CA HIS A 341 -5.15 -1.41 -15.60
C HIS A 341 -5.46 -1.31 -17.09
N THR A 342 -4.97 -2.22 -17.93
CA THR A 342 -5.21 -2.15 -19.36
C THR A 342 -5.78 -3.43 -19.95
N ALA A 343 -6.14 -4.42 -19.12
CA ALA A 343 -6.79 -5.64 -19.60
C ALA A 343 -8.07 -5.86 -18.80
N GLU A 344 -9.12 -6.36 -19.46
CA GLU A 344 -10.43 -6.35 -18.85
C GLU A 344 -11.28 -7.59 -19.13
N ASP A 345 -11.26 -8.10 -20.36
CA ASP A 345 -12.25 -9.08 -20.81
C ASP A 345 -11.62 -10.45 -21.01
N PRO A 346 -11.92 -11.44 -20.15
CA PRO A 346 -11.29 -12.75 -20.29
C PRO A 346 -11.91 -13.62 -21.39
N ALA A 347 -12.93 -13.14 -22.09
CA ALA A 347 -13.50 -13.87 -23.22
C ALA A 347 -12.97 -13.39 -24.56
N LEU A 348 -12.04 -12.44 -24.58
CA LEU A 348 -11.60 -11.75 -25.78
C LEU A 348 -10.24 -12.25 -26.24
N LEU A 349 -10.04 -12.28 -27.56
CA LEU A 349 -8.80 -12.72 -28.19
C LEU A 349 -8.36 -11.70 -29.24
N TYR A 350 -7.07 -11.73 -29.55
CA TYR A 350 -6.47 -10.88 -30.57
C TYR A 350 -5.54 -11.67 -31.47
N ARG A 351 -5.15 -11.05 -32.59
CA ARG A 351 -4.03 -11.47 -33.41
C ARG A 351 -2.90 -10.46 -33.24
N VAL A 352 -1.67 -10.95 -33.11
CA VAL A 352 -0.52 -10.08 -32.93
C VAL A 352 0.63 -10.57 -33.81
N GLU A 353 1.45 -9.63 -34.27
CA GLU A 353 2.56 -9.95 -35.17
C GLU A 353 3.85 -10.20 -34.37
N THR A 354 3.81 -11.25 -33.56
CA THR A 354 4.99 -11.69 -32.80
C THR A 354 4.69 -13.06 -32.20
N MET A 355 5.69 -13.61 -31.51
CA MET A 355 5.58 -14.90 -30.82
C MET A 355 5.83 -14.64 -29.33
N PRO A 356 4.79 -14.55 -28.51
CA PRO A 356 5.00 -14.08 -27.13
C PRO A 356 5.69 -15.10 -26.23
N GLY A 357 5.48 -16.40 -26.46
CA GLY A 357 6.00 -17.40 -25.56
C GLY A 357 5.22 -17.43 -24.25
N LEU A 358 5.92 -17.80 -23.17
CA LEU A 358 5.38 -17.82 -21.82
C LEU A 358 4.05 -18.58 -21.75
N GLY A 359 4.10 -19.84 -22.19
CA GLY A 359 2.90 -20.65 -22.30
C GLY A 359 2.34 -20.59 -23.70
N TRP A 360 2.85 -21.42 -24.61
CA TRP A 360 2.51 -21.31 -26.02
C TRP A 360 2.38 -22.69 -26.65
N VAL A 361 1.72 -22.74 -27.82
CA VAL A 361 1.44 -23.97 -28.53
C VAL A 361 2.29 -24.01 -29.79
N LEU A 362 2.99 -25.12 -30.00
CA LEU A 362 3.90 -25.31 -31.11
C LEU A 362 3.34 -26.36 -32.06
N ARG A 363 3.32 -26.04 -33.36
CA ARG A 363 2.82 -26.95 -34.37
C ARG A 363 3.94 -27.86 -34.84
N ARG A 364 3.67 -29.16 -34.89
CA ARG A 364 4.72 -30.13 -35.20
C ARG A 364 5.30 -29.92 -36.60
N SER A 365 4.43 -29.68 -37.59
CA SER A 365 4.94 -29.44 -38.94
C SER A 365 5.84 -28.22 -38.99
N LEU A 366 5.50 -27.18 -38.22
CA LEU A 366 6.36 -26.00 -38.16
C LEU A 366 7.73 -26.33 -37.58
N TYR A 367 7.77 -27.12 -36.50
CA TYR A 367 9.04 -27.44 -35.89
C TYR A 367 9.85 -28.42 -36.73
N LYS A 368 9.21 -29.52 -37.18
CA LYS A 368 9.97 -30.56 -37.87
C LYS A 368 10.41 -30.14 -39.27
N GLU A 369 9.63 -29.30 -39.95
CA GLU A 369 9.93 -28.96 -41.33
C GLU A 369 10.60 -27.61 -41.52
N GLU A 370 10.49 -26.70 -40.55
CA GLU A 370 11.08 -25.38 -40.69
C GLU A 370 12.12 -25.05 -39.62
N LEU A 371 11.79 -25.22 -38.34
CA LEU A 371 12.64 -24.67 -37.28
C LEU A 371 13.82 -25.58 -36.95
N GLU A 372 13.56 -26.88 -36.77
CA GLU A 372 14.64 -27.79 -36.39
C GLU A 372 15.80 -27.84 -37.37
N PRO A 373 15.61 -27.89 -38.69
CA PRO A 373 16.79 -27.93 -39.58
C PRO A 373 17.68 -26.70 -39.53
N LYS A 374 17.18 -25.53 -39.11
CA LYS A 374 18.00 -24.32 -39.06
C LYS A 374 18.15 -23.77 -37.65
N TRP A 375 18.00 -24.61 -36.63
CA TRP A 375 18.14 -24.14 -35.26
C TRP A 375 19.57 -23.69 -35.01
N PRO A 376 19.79 -22.57 -34.31
CA PRO A 376 21.14 -22.05 -34.15
C PRO A 376 22.07 -23.02 -33.44
N THR A 377 23.30 -23.11 -33.95
CA THR A 377 24.32 -24.01 -33.43
C THR A 377 24.84 -23.49 -32.09
N PRO A 378 25.57 -24.32 -31.32
CA PRO A 378 25.86 -23.96 -29.92
C PRO A 378 26.78 -22.76 -29.73
N GLU A 379 27.46 -22.28 -30.76
CA GLU A 379 28.38 -21.14 -30.55
C GLU A 379 27.67 -19.80 -30.58
N LYS A 380 26.43 -19.74 -31.06
CA LYS A 380 25.73 -18.48 -31.27
C LYS A 380 25.03 -18.07 -29.99
N LEU A 381 25.45 -16.93 -29.43
CA LEU A 381 24.88 -16.39 -28.19
C LEU A 381 23.58 -15.65 -28.51
N TRP A 382 22.59 -16.42 -28.95
CA TRP A 382 21.28 -15.89 -29.31
C TRP A 382 20.22 -16.46 -28.38
N ASP A 383 19.18 -15.68 -28.16
CA ASP A 383 18.01 -16.14 -27.41
C ASP A 383 17.07 -16.84 -28.37
N TRP A 384 16.62 -18.04 -28.00
CA TRP A 384 15.79 -18.84 -28.89
C TRP A 384 14.53 -18.07 -29.30
N ASP A 385 13.92 -17.34 -28.36
CA ASP A 385 12.65 -16.67 -28.65
C ASP A 385 12.86 -15.43 -29.52
N MET A 386 13.93 -14.67 -29.28
CA MET A 386 14.24 -13.56 -30.19
C MET A 386 14.54 -14.06 -31.59
N TRP A 387 15.17 -15.23 -31.70
CA TRP A 387 15.42 -15.82 -33.03
C TRP A 387 14.11 -16.19 -33.71
N MET A 388 13.16 -16.75 -32.96
CA MET A 388 11.87 -17.12 -33.52
C MET A 388 11.04 -15.91 -33.91
N ARG A 389 11.34 -14.72 -33.38
CA ARG A 389 10.64 -13.52 -33.78
C ARG A 389 11.23 -12.86 -35.01
N MET A 390 12.38 -13.33 -35.48
CA MET A 390 12.99 -12.78 -36.68
C MET A 390 12.11 -13.05 -37.91
N PRO A 391 12.11 -12.12 -38.88
CA PRO A 391 11.30 -12.34 -40.08
C PRO A 391 11.55 -13.67 -40.79
N GLU A 392 12.81 -14.14 -40.80
CA GLU A 392 13.12 -15.37 -41.51
C GLU A 392 12.45 -16.59 -40.90
N GLN A 393 12.04 -16.51 -39.63
CA GLN A 393 11.36 -17.59 -38.96
C GLN A 393 9.85 -17.37 -38.89
N ARG A 394 9.41 -16.18 -38.41
CA ARG A 394 7.98 -15.93 -38.29
C ARG A 394 7.32 -15.77 -39.66
N ARG A 395 7.91 -14.92 -40.52
CA ARG A 395 7.49 -14.79 -41.93
C ARG A 395 6.07 -14.22 -42.06
N GLY A 396 5.80 -13.13 -41.35
CA GLY A 396 4.52 -12.47 -41.46
C GLY A 396 3.36 -13.18 -40.81
N ARG A 397 3.58 -14.36 -40.24
CA ARG A 397 2.50 -15.05 -39.53
C ARG A 397 2.25 -14.40 -38.17
N GLU A 398 1.14 -14.79 -37.55
CA GLU A 398 0.68 -14.17 -36.31
C GLU A 398 0.31 -15.23 -35.29
N CYS A 399 0.21 -14.82 -34.02
CA CYS A 399 -0.22 -15.71 -32.95
C CYS A 399 -1.52 -15.19 -32.33
N ILE A 400 -2.25 -16.11 -31.72
CA ILE A 400 -3.47 -15.79 -30.98
C ILE A 400 -3.12 -15.58 -29.50
N ILE A 401 -3.61 -14.49 -28.93
CA ILE A 401 -3.42 -14.22 -27.51
C ILE A 401 -4.73 -13.80 -26.88
N PRO A 402 -4.93 -14.00 -25.59
CA PRO A 402 -6.11 -13.45 -24.92
C PRO A 402 -5.83 -12.06 -24.36
N ASP A 403 -6.91 -11.31 -24.14
CA ASP A 403 -6.76 -10.02 -23.49
C ASP A 403 -6.27 -10.17 -22.05
N VAL A 404 -6.78 -11.15 -21.32
CA VAL A 404 -6.35 -11.45 -19.97
C VAL A 404 -5.49 -12.72 -20.00
N SER A 405 -4.25 -12.61 -19.53
CA SER A 405 -3.29 -13.70 -19.65
C SER A 405 -3.70 -14.91 -18.81
N ARG A 406 -3.32 -16.10 -19.29
CA ARG A 406 -3.53 -17.35 -18.57
C ARG A 406 -2.24 -17.92 -17.98
N SER A 407 -1.19 -17.09 -17.88
CA SER A 407 0.02 -17.48 -17.17
C SER A 407 0.61 -16.24 -16.50
N TYR A 408 1.45 -16.47 -15.50
CA TYR A 408 2.07 -15.41 -14.73
C TYR A 408 3.52 -15.76 -14.46
N HIS A 409 4.43 -14.85 -14.76
CA HIS A 409 5.87 -15.09 -14.61
C HIS A 409 6.31 -14.62 -13.22
N PHE A 410 6.64 -15.57 -12.35
CA PHE A 410 7.06 -15.23 -10.99
C PHE A 410 8.55 -15.36 -10.75
N GLY A 411 9.31 -15.89 -11.70
CA GLY A 411 10.72 -16.12 -11.51
C GLY A 411 11.56 -14.87 -11.37
N ILE A 412 12.08 -14.61 -10.17
CA ILE A 412 12.91 -13.44 -9.94
C ILE A 412 14.38 -13.70 -10.24
N VAL A 413 14.86 -14.92 -10.02
CA VAL A 413 16.26 -15.27 -10.24
C VAL A 413 16.32 -16.06 -11.54
N GLY A 414 16.95 -15.47 -12.56
CA GLY A 414 17.02 -16.12 -13.86
C GLY A 414 18.17 -15.59 -14.68
N LEU A 415 18.17 -15.99 -15.96
CA LEU A 415 19.28 -15.66 -16.85
C LEU A 415 19.31 -14.16 -17.17
N ASN A 416 18.16 -13.55 -17.42
CA ASN A 416 18.07 -12.13 -17.71
C ASN A 416 17.22 -11.37 -16.70
N MET A 417 16.84 -11.99 -15.59
CA MET A 417 15.86 -11.43 -14.68
C MET A 417 16.50 -10.99 -13.37
N ASN A 418 16.10 -9.80 -12.91
CA ASN A 418 16.50 -9.26 -11.62
CA ASN A 418 16.48 -9.32 -11.59
C ASN A 418 15.25 -8.78 -10.88
N GLY A 419 15.44 -8.36 -9.62
CA GLY A 419 14.31 -7.88 -8.84
C GLY A 419 13.72 -6.59 -9.36
N TYR A 420 14.54 -5.71 -9.92
CA TYR A 420 14.04 -4.42 -10.42
C TYR A 420 13.21 -4.60 -11.68
N PHE A 421 13.74 -5.37 -12.64
CA PHE A 421 13.05 -5.57 -13.91
C PHE A 421 11.69 -6.24 -13.71
N HIS A 422 11.55 -7.07 -12.67
CA HIS A 422 10.28 -7.73 -12.40
C HIS A 422 9.27 -6.77 -11.80
N GLU A 423 9.69 -5.96 -10.83
CA GLU A 423 8.79 -4.97 -10.25
C GLU A 423 8.32 -3.96 -11.30
N ALA A 424 9.11 -3.76 -12.34
CA ALA A 424 8.81 -2.72 -13.32
C ALA A 424 8.00 -3.19 -14.52
N TYR A 425 8.02 -4.49 -14.86
CA TYR A 425 7.35 -4.94 -16.07
C TYR A 425 6.58 -6.24 -15.95
N PHE A 426 6.61 -6.94 -14.81
CA PHE A 426 5.92 -8.22 -14.72
C PHE A 426 4.97 -8.28 -13.53
N LYS A 427 5.35 -7.61 -12.43
CA LYS A 427 4.60 -7.73 -11.19
C LYS A 427 3.14 -7.34 -11.38
N LYS A 428 2.87 -6.35 -12.23
CA LYS A 428 1.52 -5.84 -12.42
C LYS A 428 0.80 -6.48 -13.60
N HIS A 429 1.33 -7.57 -14.15
CA HIS A 429 0.65 -8.26 -15.24
C HIS A 429 -0.63 -8.90 -14.73
N LYS A 430 -1.72 -8.75 -15.50
CA LYS A 430 -3.00 -9.27 -15.08
C LYS A 430 -3.07 -10.78 -15.32
N PHE A 431 -3.67 -11.48 -14.37
CA PHE A 431 -3.74 -12.93 -14.35
C PHE A 431 -5.20 -13.34 -14.19
N ASN A 432 -5.68 -14.19 -15.10
CA ASN A 432 -7.08 -14.61 -15.07
C ASN A 432 -7.31 -15.64 -13.96
N THR A 433 -8.37 -15.43 -13.18
CA THR A 433 -8.72 -16.37 -12.11
C THR A 433 -10.16 -16.87 -12.21
N VAL A 434 -10.89 -16.51 -13.27
CA VAL A 434 -12.27 -16.97 -13.45
C VAL A 434 -12.27 -18.35 -14.11
N PRO A 435 -12.89 -19.35 -13.51
CA PRO A 435 -12.86 -20.70 -14.10
C PRO A 435 -13.79 -20.84 -15.29
N GLY A 436 -13.37 -21.69 -16.22
CA GLY A 436 -14.19 -22.11 -17.35
C GLY A 436 -14.82 -21.00 -18.17
N VAL A 437 -14.01 -20.02 -18.59
CA VAL A 437 -14.54 -18.93 -19.39
C VAL A 437 -14.82 -19.43 -20.81
N GLN A 438 -16.00 -19.09 -21.33
CA GLN A 438 -16.35 -19.38 -22.71
C GLN A 438 -15.87 -18.24 -23.59
N LEU A 439 -14.99 -18.56 -24.54
CA LEU A 439 -14.45 -17.54 -25.43
C LEU A 439 -15.52 -17.07 -26.41
N ARG A 440 -15.49 -15.78 -26.72
CA ARG A 440 -16.54 -15.13 -27.52
C ARG A 440 -16.15 -15.15 -29.00
N ASN A 441 -16.96 -15.82 -29.81
CA ASN A 441 -16.88 -15.83 -31.28
C ASN A 441 -15.46 -16.13 -31.78
N VAL A 442 -15.03 -17.37 -31.49
CA VAL A 442 -13.64 -17.76 -31.73
C VAL A 442 -13.31 -17.73 -33.21
N ASP A 443 -14.25 -18.13 -34.07
CA ASP A 443 -13.95 -18.25 -35.49
C ASP A 443 -13.68 -16.92 -36.18
N SER A 444 -13.93 -15.80 -35.51
CA SER A 444 -13.64 -14.49 -36.08
C SER A 444 -12.15 -14.15 -36.05
N LEU A 445 -11.33 -14.98 -35.41
CA LEU A 445 -9.89 -14.73 -35.35
C LEU A 445 -9.14 -15.26 -36.56
N LYS A 446 -9.83 -15.96 -37.47
CA LYS A 446 -9.23 -16.37 -38.72
C LYS A 446 -8.93 -15.15 -39.58
N LYS A 447 -7.97 -15.32 -40.50
CA LYS A 447 -7.30 -14.19 -41.16
C LYS A 447 -8.29 -13.19 -41.74
N GLU A 448 -9.15 -13.63 -42.65
CA GLU A 448 -10.04 -12.70 -43.32
C GLU A 448 -11.23 -12.31 -42.44
N ALA A 449 -11.66 -13.19 -41.54
CA ALA A 449 -12.75 -12.84 -40.65
C ALA A 449 -12.32 -11.80 -39.62
N TYR A 450 -11.02 -11.75 -39.29
CA TYR A 450 -10.57 -10.78 -38.30
C TYR A 450 -10.57 -9.36 -38.85
N GLU A 451 -10.20 -9.20 -40.12
CA GLU A 451 -10.26 -7.87 -40.72
C GLU A 451 -11.71 -7.37 -40.80
N VAL A 452 -12.67 -8.29 -40.91
CA VAL A 452 -14.07 -7.91 -40.80
C VAL A 452 -14.36 -7.38 -39.39
N GLU A 453 -13.75 -8.00 -38.38
CA GLU A 453 -14.03 -7.61 -36.99
C GLU A 453 -13.39 -6.27 -36.65
N VAL A 454 -12.18 -6.03 -37.15
CA VAL A 454 -11.50 -4.76 -36.89
C VAL A 454 -12.24 -3.60 -37.56
N HIS A 455 -12.74 -3.82 -38.78
CA HIS A 455 -13.52 -2.79 -39.46
C HIS A 455 -14.82 -2.52 -38.73
N ARG A 456 -15.45 -3.56 -38.18
CA ARG A 456 -16.65 -3.34 -37.37
C ARG A 456 -16.33 -2.55 -36.11
N LEU A 457 -15.18 -2.85 -35.48
CA LEU A 457 -14.77 -2.11 -34.28
C LEU A 457 -14.52 -0.65 -34.59
N LEU A 458 -13.82 -0.37 -35.71
CA LEU A 458 -13.49 1.01 -36.06
C LEU A 458 -14.72 1.81 -36.48
N SER A 459 -15.77 1.15 -36.96
CA SER A 459 -16.98 1.86 -37.35
C SER A 459 -17.92 2.12 -36.19
N GLU A 460 -17.66 1.56 -35.01
CA GLU A 460 -18.42 1.86 -33.81
C GLU A 460 -17.65 2.72 -32.81
N ALA A 461 -16.36 2.96 -33.06
CA ALA A 461 -15.54 3.69 -32.11
C ALA A 461 -15.74 5.20 -32.24
N GLU A 462 -15.71 5.88 -31.10
CA GLU A 462 -15.77 7.35 -31.07
C GLU A 462 -14.37 7.91 -31.25
N VAL A 463 -14.22 8.83 -32.20
CA VAL A 463 -12.95 9.49 -32.41
C VAL A 463 -12.71 10.49 -31.29
N LEU A 464 -11.50 10.50 -30.73
CA LEU A 464 -11.20 11.33 -29.58
C LEU A 464 -10.62 12.67 -29.99
N ASP A 465 -10.71 13.63 -29.07
CA ASP A 465 -10.11 14.95 -29.24
C ASP A 465 -8.60 14.83 -29.19
N HIS A 466 -7.94 15.04 -30.33
CA HIS A 466 -6.49 14.88 -30.43
C HIS A 466 -5.72 16.13 -30.04
N SER A 467 -6.41 17.20 -29.62
CA SER A 467 -5.71 18.37 -29.10
C SER A 467 -5.32 18.22 -27.64
N LYS A 468 -5.75 17.16 -26.97
CA LYS A 468 -5.50 16.96 -25.55
C LYS A 468 -4.30 16.04 -25.33
N ASN A 469 -3.84 16.00 -24.09
CA ASN A 469 -2.68 15.20 -23.72
C ASN A 469 -3.02 13.72 -23.74
N PRO A 470 -2.38 12.91 -24.59
CA PRO A 470 -2.68 11.47 -24.59
C PRO A 470 -2.23 10.75 -23.34
N CYS A 471 -1.23 11.27 -22.64
CA CYS A 471 -0.59 10.57 -21.53
C CYS A 471 -1.32 10.72 -20.21
N GLU A 472 -2.48 11.36 -20.18
CA GLU A 472 -3.21 11.61 -18.94
C GLU A 472 -4.62 11.05 -19.07
N ASP A 473 -5.25 10.81 -17.92
CA ASP A 473 -6.56 10.17 -17.91
C ASP A 473 -7.61 11.04 -18.59
N SER A 474 -7.46 12.37 -18.54
CA SER A 474 -8.40 13.28 -19.19
C SER A 474 -8.59 12.97 -20.67
N PHE A 475 -7.67 12.21 -21.28
CA PHE A 475 -7.74 11.96 -22.71
C PHE A 475 -9.03 11.27 -23.11
N LEU A 476 -9.64 10.50 -22.19
CA LEU A 476 -10.87 9.80 -22.42
C LEU A 476 -11.99 10.39 -21.56
N PRO A 477 -13.22 10.46 -22.09
CA PRO A 477 -14.37 10.81 -21.25
C PRO A 477 -14.48 9.87 -20.06
N ASP A 478 -15.10 10.37 -19.00
CA ASP A 478 -15.41 9.55 -17.83
C ASP A 478 -16.47 8.53 -18.19
N THR A 479 -16.06 7.36 -18.66
CA THR A 479 -17.01 6.37 -19.14
C THR A 479 -16.50 4.98 -18.80
N GLU A 480 -17.40 4.00 -18.92
CA GLU A 480 -17.05 2.58 -18.87
C GLU A 480 -17.85 1.86 -19.94
N GLY A 481 -17.15 1.05 -20.74
CA GLY A 481 -17.80 0.24 -21.75
C GLY A 481 -17.85 0.81 -23.15
N HIS A 482 -17.39 2.03 -23.36
CA HIS A 482 -17.36 2.59 -24.71
C HIS A 482 -16.13 2.12 -25.46
N THR A 483 -16.10 2.46 -26.75
CA THR A 483 -14.96 2.18 -27.62
C THR A 483 -14.47 3.48 -28.21
N TYR A 484 -13.19 3.79 -28.00
CA TYR A 484 -12.60 5.02 -28.49
C TYR A 484 -11.38 4.68 -29.35
N VAL A 485 -11.11 5.55 -30.33
CA VAL A 485 -9.99 5.37 -31.24
C VAL A 485 -9.11 6.61 -31.19
N ALA A 486 -7.81 6.40 -31.34
CA ALA A 486 -6.83 7.48 -31.42
C ALA A 486 -5.85 7.15 -32.54
N PHE A 487 -5.40 8.18 -33.25
CA PHE A 487 -4.49 8.00 -34.37
C PHE A 487 -3.13 8.63 -34.03
N ILE A 488 -2.05 7.90 -34.32
CA ILE A 488 -0.70 8.35 -34.03
C ILE A 488 0.11 8.35 -35.33
N ARG A 489 1.22 9.08 -35.30
CA ARG A 489 2.07 9.21 -36.48
C ARG A 489 2.92 7.96 -36.66
N MET A 490 2.79 7.32 -37.81
CA MET A 490 3.59 6.14 -38.16
C MET A 490 3.81 6.21 -39.67
N GLU A 491 4.96 6.72 -40.08
CA GLU A 491 5.18 7.04 -41.49
C GLU A 491 5.76 5.89 -42.29
N LYS A 492 6.31 4.86 -41.63
CA LYS A 492 6.73 3.64 -42.29
C LYS A 492 6.28 2.45 -41.46
N ASP A 493 6.45 1.25 -42.01
CA ASP A 493 6.06 0.03 -41.30
C ASP A 493 6.86 -0.20 -40.03
N ASP A 494 7.98 0.50 -39.84
CA ASP A 494 8.83 0.32 -38.68
C ASP A 494 8.93 1.55 -37.80
N ASP A 495 8.19 2.62 -38.10
CA ASP A 495 8.24 3.85 -37.32
C ASP A 495 7.38 3.68 -36.07
N PHE A 496 8.01 3.23 -34.98
CA PHE A 496 7.32 3.02 -33.72
C PHE A 496 7.70 4.06 -32.67
N THR A 497 8.16 5.24 -33.10
CA THR A 497 8.65 6.25 -32.15
C THR A 497 7.54 6.70 -31.22
N THR A 498 6.38 7.05 -31.78
CA THR A 498 5.30 7.57 -30.95
C THR A 498 4.69 6.48 -30.08
N TRP A 499 4.49 5.28 -30.63
CA TRP A 499 3.93 4.20 -29.83
C TRP A 499 4.80 3.90 -28.62
N THR A 500 6.12 3.86 -28.80
CA THR A 500 7.01 3.57 -27.67
C THR A 500 6.88 4.63 -26.58
N GLN A 501 6.82 5.91 -26.98
CA GLN A 501 6.63 6.96 -25.98
C GLN A 501 5.24 6.88 -25.37
N LEU A 502 4.23 6.50 -26.15
CA LEU A 502 2.89 6.34 -25.61
C LEU A 502 2.84 5.20 -24.60
N ALA A 503 3.51 4.09 -24.89
CA ALA A 503 3.52 2.94 -23.97
C ALA A 503 4.26 3.27 -22.68
N LYS A 504 5.29 4.11 -22.77
CA LYS A 504 6.04 4.47 -21.57
C LYS A 504 5.17 5.24 -20.59
N CYS A 505 4.41 6.22 -21.09
CA CYS A 505 3.58 7.03 -20.21
C CYS A 505 2.27 6.35 -19.85
N LEU A 506 1.85 5.32 -20.60
CA LEU A 506 0.74 4.50 -20.17
C LEU A 506 1.15 3.44 -19.15
N HIS A 507 2.45 3.27 -18.91
CA HIS A 507 2.98 2.31 -17.94
C HIS A 507 2.68 0.87 -18.35
N ILE A 508 3.03 0.54 -19.59
CA ILE A 508 2.94 -0.83 -20.10
C ILE A 508 4.28 -1.21 -20.72
N TRP A 509 4.31 -2.28 -21.51
CA TRP A 509 5.58 -2.75 -22.06
C TRP A 509 6.07 -1.79 -23.15
N ASP A 510 7.30 -1.28 -22.98
CA ASP A 510 7.81 -0.26 -23.90
C ASP A 510 9.28 -0.47 -24.25
N LEU A 511 9.83 -1.67 -24.08
CA LEU A 511 11.23 -1.90 -24.39
C LEU A 511 11.44 -2.32 -25.84
N ASP A 512 10.54 -3.12 -26.39
CA ASP A 512 10.52 -3.41 -27.82
C ASP A 512 9.08 -3.63 -28.23
N VAL A 513 8.79 -3.40 -29.51
CA VAL A 513 7.42 -3.19 -29.95
C VAL A 513 6.65 -4.50 -29.91
N ARG A 514 5.52 -4.50 -29.20
CA ARG A 514 4.58 -5.62 -29.20
C ARG A 514 3.16 -5.10 -29.09
N GLY A 515 2.23 -5.95 -29.52
CA GLY A 515 0.82 -5.63 -29.53
C GLY A 515 0.28 -5.19 -30.89
N ASN A 516 1.14 -5.03 -31.89
CA ASN A 516 0.72 -4.44 -33.15
C ASN A 516 0.11 -5.48 -34.08
N HIS A 517 -0.94 -5.07 -34.80
CA HIS A 517 -1.53 -5.86 -35.88
C HIS A 517 -1.83 -4.88 -37.02
N ARG A 518 -0.99 -4.90 -38.05
CA ARG A 518 -1.15 -4.01 -39.21
C ARG A 518 -1.19 -2.55 -38.77
N GLY A 519 -0.36 -2.20 -37.78
CA GLY A 519 -0.36 -0.85 -37.27
C GLY A 519 -1.51 -0.50 -36.35
N LEU A 520 -2.12 -1.49 -35.71
CA LEU A 520 -3.21 -1.30 -34.77
C LEU A 520 -2.85 -1.90 -33.41
N TRP A 521 -3.17 -1.17 -32.35
CA TRP A 521 -2.98 -1.64 -30.98
C TRP A 521 -4.31 -1.62 -30.25
N ARG A 522 -4.62 -2.71 -29.54
CA ARG A 522 -5.88 -2.84 -28.82
C ARG A 522 -5.59 -3.07 -27.34
N LEU A 523 -6.25 -2.29 -26.49
CA LEU A 523 -6.08 -2.40 -25.03
C LEU A 523 -7.32 -1.79 -24.37
N PHE A 524 -7.22 -1.53 -23.06
CA PHE A 524 -8.30 -0.92 -22.29
C PHE A 524 -7.75 0.23 -21.47
N ARG A 525 -8.56 1.29 -21.32
CA ARG A 525 -8.24 2.43 -20.46
C ARG A 525 -9.47 2.78 -19.66
N LYS A 526 -9.38 2.65 -18.34
CA LYS A 526 -10.51 2.84 -17.44
C LYS A 526 -11.73 2.06 -17.91
N LYS A 527 -11.49 0.82 -18.36
CA LYS A 527 -12.54 -0.12 -18.78
C LYS A 527 -13.32 0.39 -19.99
N ASN A 528 -12.65 1.10 -20.89
CA ASN A 528 -13.13 1.33 -22.24
C ASN A 528 -12.16 0.69 -23.21
N HIS A 529 -12.67 0.13 -24.30
CA HIS A 529 -11.78 -0.39 -25.32
C HIS A 529 -11.11 0.78 -26.04
N PHE A 530 -9.81 0.66 -26.26
CA PHE A 530 -8.97 1.77 -26.71
C PHE A 530 -8.14 1.28 -27.90
N LEU A 531 -8.47 1.78 -29.09
CA LEU A 531 -7.78 1.40 -30.32
C LEU A 531 -6.82 2.51 -30.74
N VAL A 532 -5.63 2.11 -31.18
CA VAL A 532 -4.59 3.04 -31.62
C VAL A 532 -4.18 2.64 -33.03
N VAL A 533 -4.24 3.58 -33.96
CA VAL A 533 -4.00 3.33 -35.38
C VAL A 533 -2.82 4.18 -35.83
N GLY A 534 -1.85 3.53 -36.49
CA GLY A 534 -0.71 4.23 -37.04
C GLY A 534 -0.99 4.85 -38.39
N VAL A 535 -0.85 6.17 -38.48
CA VAL A 535 -1.11 6.89 -39.72
C VAL A 535 0.21 7.46 -40.21
N PRO A 536 0.52 7.37 -41.52
CA PRO A 536 -0.09 6.78 -42.73
C PRO A 536 0.17 5.29 -42.97
N ALA A 537 0.93 4.60 -42.12
CA ALA A 537 1.41 3.27 -42.48
C ALA A 537 0.32 2.21 -42.39
N SER A 538 -0.52 2.27 -41.37
CA SER A 538 -1.53 1.23 -41.21
C SER A 538 -2.52 1.24 -42.37
N PRO A 539 -2.95 0.06 -42.83
CA PRO A 539 -4.05 0.01 -43.80
C PRO A 539 -5.34 0.63 -43.29
N TYR A 540 -5.49 0.78 -41.98
CA TYR A 540 -6.68 1.35 -41.37
C TYR A 540 -6.64 2.87 -41.31
N SER A 541 -5.57 3.50 -41.80
CA SER A 541 -5.50 4.96 -41.82
C SER A 541 -6.67 5.58 -42.57
N VAL A 542 -7.29 4.83 -43.50
CA VAL A 542 -8.39 5.35 -44.31
C VAL A 542 -9.61 5.74 -43.49
N LYS A 543 -9.64 5.44 -42.19
CA LYS A 543 -10.78 5.77 -41.36
C LYS A 543 -10.54 7.01 -40.49
N LYS A 544 -9.42 7.69 -40.67
CA LYS A 544 -9.18 8.92 -39.92
C LYS A 544 -9.93 10.07 -40.58
N PRO A 545 -10.79 10.78 -39.85
CA PRO A 545 -11.50 11.93 -40.44
C PRO A 545 -10.55 13.08 -40.69
N PRO A 546 -10.91 14.01 -41.58
CA PRO A 546 -10.02 15.15 -41.86
C PRO A 546 -9.72 16.02 -40.65
N SER A 547 -10.58 16.02 -39.65
CA SER A 547 -10.41 16.90 -38.50
C SER A 547 -9.29 16.44 -37.56
N VAL A 548 -8.75 15.24 -37.75
CA VAL A 548 -7.76 14.69 -36.82
C VAL A 548 -6.37 14.84 -37.43
N THR A 549 -5.48 15.47 -36.66
CA THR A 549 -4.05 15.45 -36.96
C THR A 549 -3.37 14.41 -36.09
N PRO A 550 -2.75 13.38 -36.65
CA PRO A 550 -2.20 12.29 -35.83
C PRO A 550 -1.27 12.80 -34.72
N ILE A 551 -1.36 12.13 -33.56
CA ILE A 551 -0.55 12.50 -32.41
C ILE A 551 0.90 12.07 -32.63
N PHE A 552 1.83 12.95 -32.28
CA PHE A 552 3.25 12.69 -32.40
C PHE A 552 3.95 13.04 -31.09
N LEU A 553 4.83 12.15 -30.64
CA LEU A 553 5.63 12.37 -29.43
C LEU A 553 7.03 11.83 -29.65
N GLU A 554 8.04 12.67 -29.40
CA GLU A 554 9.41 12.20 -29.54
C GLU A 554 10.10 12.12 -28.18
N PRO A 555 11.04 11.20 -28.01
CA PRO A 555 11.70 11.05 -26.71
C PRO A 555 12.63 12.22 -26.42
N PRO A 556 12.71 12.65 -25.16
CA PRO A 556 13.64 13.70 -24.72
C PRO A 556 15.11 13.31 -24.96
N ARG B 6 -31.10 -20.61 26.20
CA ARG B 6 -30.00 -19.88 26.81
C ARG B 6 -28.75 -19.97 25.94
N VAL B 7 -28.95 -20.27 24.65
CA VAL B 7 -27.88 -20.43 23.69
C VAL B 7 -28.12 -19.48 22.53
N LEU B 8 -27.04 -18.96 21.96
CA LEU B 8 -27.15 -18.10 20.78
C LEU B 8 -26.58 -18.81 19.55
N ASP B 9 -26.74 -18.15 18.41
CA ASP B 9 -26.65 -18.77 17.09
C ASP B 9 -25.63 -18.01 16.26
N VAL B 10 -24.44 -18.57 16.08
CA VAL B 10 -23.36 -17.86 15.40
C VAL B 10 -23.08 -18.52 14.05
N GLU B 11 -22.94 -17.70 13.01
CA GLU B 11 -22.46 -18.13 11.71
C GLU B 11 -21.26 -17.27 11.36
N VAL B 12 -20.14 -17.92 11.03
CA VAL B 12 -18.93 -17.23 10.61
C VAL B 12 -18.61 -17.67 9.18
N TYR B 13 -18.44 -16.70 8.29
CA TYR B 13 -18.17 -16.96 6.89
C TYR B 13 -16.83 -16.33 6.50
N SER B 14 -15.95 -17.15 5.95
CA SER B 14 -14.61 -16.72 5.53
C SER B 14 -14.39 -17.11 4.08
N SER B 15 -14.00 -16.14 3.25
CA SER B 15 -13.81 -16.40 1.83
C SER B 15 -12.80 -15.41 1.27
N ARG B 16 -12.59 -15.50 -0.04
CA ARG B 16 -11.65 -14.62 -0.72
C ARG B 16 -12.14 -13.18 -0.75
N SER B 17 -13.43 -12.97 -1.02
CA SER B 17 -13.95 -11.63 -1.28
C SER B 17 -15.01 -11.17 -0.29
N LYS B 18 -15.33 -11.97 0.74
CA LYS B 18 -16.40 -11.57 1.64
C LYS B 18 -16.25 -12.30 2.98
N VAL B 19 -16.51 -11.58 4.07
CA VAL B 19 -16.66 -12.16 5.40
C VAL B 19 -17.92 -11.59 6.02
N TYR B 20 -18.58 -12.40 6.85
CA TYR B 20 -19.68 -11.90 7.64
C TYR B 20 -19.84 -12.77 8.88
N VAL B 21 -20.53 -12.22 9.88
CA VAL B 21 -20.85 -12.91 11.11
C VAL B 21 -22.28 -12.57 11.51
N ALA B 22 -23.07 -13.58 11.82
CA ALA B 22 -24.44 -13.39 12.31
C ALA B 22 -24.56 -14.01 13.70
N VAL B 23 -25.28 -13.32 14.58
CA VAL B 23 -25.54 -13.78 15.94
C VAL B 23 -27.04 -13.82 16.12
N ASP B 24 -27.60 -15.01 16.18
CA ASP B 24 -29.06 -15.22 16.30
C ASP B 24 -29.79 -14.53 15.16
N GLY B 25 -29.28 -14.71 13.93
CA GLY B 25 -29.90 -14.16 12.75
C GLY B 25 -29.54 -12.73 12.43
N THR B 26 -29.09 -11.95 13.42
CA THR B 26 -28.71 -10.56 13.20
C THR B 26 -27.26 -10.51 12.72
N THR B 27 -27.04 -9.89 11.56
CA THR B 27 -25.70 -9.70 11.05
C THR B 27 -25.02 -8.57 11.82
N VAL B 28 -23.94 -8.90 12.52
CA VAL B 28 -23.14 -7.90 13.22
C VAL B 28 -21.89 -7.52 12.46
N LEU B 29 -21.65 -8.15 11.31
CA LEU B 29 -20.46 -7.87 10.51
C LEU B 29 -20.73 -8.33 9.09
N GLU B 30 -20.45 -7.45 8.13
CA GLU B 30 -20.51 -7.84 6.73
C GLU B 30 -19.55 -6.97 5.95
N ASP B 31 -18.72 -7.62 5.13
CA ASP B 31 -17.64 -6.92 4.44
C ASP B 31 -17.36 -7.58 3.10
N GLU B 32 -17.46 -6.80 2.03
CA GLU B 32 -17.29 -7.32 0.69
C GLU B 32 -16.44 -6.45 -0.23
N ALA B 33 -16.12 -5.21 0.13
CA ALA B 33 -15.54 -4.28 -0.83
C ALA B 33 -14.20 -4.78 -1.34
N ARG B 34 -13.74 -4.14 -2.43
CA ARG B 34 -12.66 -4.67 -3.25
C ARG B 34 -11.28 -4.23 -2.82
N GLU B 35 -11.17 -3.11 -2.09
CA GLU B 35 -9.88 -2.62 -1.65
C GLU B 35 -9.73 -2.61 -0.14
N GLN B 36 -10.80 -2.86 0.62
CA GLN B 36 -10.73 -2.78 2.06
C GLN B 36 -11.07 -4.11 2.71
N GLY B 37 -10.77 -4.19 4.01
CA GLY B 37 -11.15 -5.32 4.84
C GLY B 37 -10.27 -6.55 4.75
N ARG B 38 -9.12 -6.46 4.10
CA ARG B 38 -8.26 -7.62 4.01
C ARG B 38 -7.63 -7.91 5.36
N GLY B 39 -7.58 -9.18 5.72
CA GLY B 39 -6.88 -9.62 6.92
C GLY B 39 -7.80 -10.41 7.85
N ILE B 40 -7.46 -10.36 9.14
CA ILE B 40 -8.17 -11.10 10.18
C ILE B 40 -9.16 -10.14 10.83
N HIS B 41 -10.45 -10.41 10.66
CA HIS B 41 -11.50 -9.69 11.38
C HIS B 41 -11.75 -10.36 12.72
N VAL B 42 -11.89 -9.55 13.78
CA VAL B 42 -12.10 -10.06 15.13
C VAL B 42 -13.27 -9.34 15.75
N ILE B 43 -14.16 -10.10 16.38
CA ILE B 43 -15.36 -9.57 17.03
C ILE B 43 -15.47 -10.18 18.43
N VAL B 44 -15.83 -9.35 19.41
CA VAL B 44 -15.91 -9.77 20.80
C VAL B 44 -17.35 -9.62 21.27
N LEU B 45 -17.86 -10.65 21.94
CA LEU B 45 -19.21 -10.68 22.44
C LEU B 45 -19.22 -10.78 23.96
N ASN B 46 -20.23 -10.18 24.58
CA ASN B 46 -20.49 -10.40 26.00
C ASN B 46 -21.02 -11.81 26.18
N GLN B 47 -20.38 -12.59 27.07
CA GLN B 47 -20.73 -14.00 27.21
C GLN B 47 -22.03 -14.23 27.99
N ALA B 48 -22.68 -13.18 28.46
CA ALA B 48 -23.99 -13.32 29.10
C ALA B 48 -25.13 -12.91 28.18
N THR B 49 -24.91 -11.94 27.29
CA THR B 49 -25.94 -11.46 26.38
C THR B 49 -25.64 -11.69 24.91
N GLY B 50 -24.38 -11.88 24.54
CA GLY B 50 -24.02 -11.98 23.13
C GLY B 50 -23.91 -10.67 22.40
N HIS B 51 -24.01 -9.54 23.09
CA HIS B 51 -23.92 -8.24 22.43
C HIS B 51 -22.48 -7.95 22.02
N VAL B 52 -22.34 -7.27 20.88
CA VAL B 52 -21.02 -6.92 20.38
C VAL B 52 -20.40 -5.84 21.27
N MET B 53 -19.17 -6.09 21.71
CA MET B 53 -18.42 -5.11 22.49
C MET B 53 -17.17 -4.59 21.78
N ALA B 54 -16.79 -5.16 20.63
CA ALA B 54 -15.62 -4.69 19.91
C ALA B 54 -15.62 -5.27 18.49
N LYS B 55 -15.22 -4.44 17.53
CA LYS B 55 -15.05 -4.84 16.14
CA LYS B 55 -15.05 -4.84 16.14
C LYS B 55 -13.69 -4.36 15.66
N ARG B 56 -12.90 -5.28 15.10
CA ARG B 56 -11.57 -4.96 14.62
C ARG B 56 -11.29 -5.74 13.35
N VAL B 57 -10.38 -5.18 12.54
CA VAL B 57 -9.79 -5.88 11.41
C VAL B 57 -8.28 -5.61 11.44
N PHE B 58 -7.48 -6.65 11.21
CA PHE B 58 -6.03 -6.52 11.24
C PHE B 58 -5.48 -7.07 9.92
N ASP B 59 -4.93 -6.18 9.10
CA ASP B 59 -4.35 -6.55 7.81
C ASP B 59 -2.98 -7.20 8.05
N THR B 60 -3.03 -8.44 8.54
CA THR B 60 -1.80 -9.20 8.83
C THR B 60 -1.08 -9.65 7.57
N TYR B 61 -1.62 -9.31 6.39
CA TYR B 61 -0.83 -9.39 5.17
C TYR B 61 0.32 -8.38 5.20
N SER B 62 0.14 -7.24 5.92
CA SER B 62 1.08 -6.14 6.03
C SER B 62 1.92 -6.25 7.29
N PRO B 63 3.14 -5.70 7.26
CA PRO B 63 4.01 -5.75 8.45
C PRO B 63 3.39 -5.05 9.65
N HIS B 64 3.77 -5.52 10.84
CA HIS B 64 3.48 -4.88 12.12
C HIS B 64 2.00 -4.92 12.51
N GLU B 65 1.12 -5.40 11.62
CA GLU B 65 -0.28 -5.47 11.98
C GLU B 65 -0.57 -6.61 12.95
N ASP B 66 0.26 -7.66 12.95
CA ASP B 66 0.05 -8.74 13.91
C ASP B 66 0.42 -8.32 15.33
N GLU B 67 1.35 -7.39 15.47
CA GLU B 67 1.65 -6.85 16.79
C GLU B 67 0.43 -6.12 17.37
N ALA B 68 -0.27 -5.34 16.54
CA ALA B 68 -1.48 -4.67 16.98
C ALA B 68 -2.58 -5.68 17.34
N MET B 69 -2.61 -6.81 16.65
CA MET B 69 -3.59 -7.85 16.99
C MET B 69 -3.28 -8.47 18.34
N VAL B 70 -2.00 -8.73 18.62
CA VAL B 70 -1.60 -9.28 19.90
C VAL B 70 -1.93 -8.32 21.02
N LEU B 71 -1.66 -7.03 20.82
CA LEU B 71 -1.95 -6.03 21.85
C LEU B 71 -3.44 -5.98 22.16
N PHE B 72 -4.29 -6.04 21.12
CA PHE B 72 -5.73 -5.99 21.34
C PHE B 72 -6.22 -7.22 22.09
N LEU B 73 -5.79 -8.42 21.66
CA LEU B 73 -6.27 -9.63 22.31
C LEU B 73 -5.77 -9.74 23.75
N ASN B 74 -4.58 -9.22 24.04
CA ASN B 74 -4.12 -9.20 25.42
C ASN B 74 -4.92 -8.24 26.29
N MET B 75 -5.70 -7.35 25.69
CA MET B 75 -6.45 -6.33 26.43
C MET B 75 -7.96 -6.59 26.47
N VAL B 76 -8.41 -7.72 25.97
CA VAL B 76 -9.80 -8.15 26.12
C VAL B 76 -9.89 -9.00 27.39
N ALA B 77 -10.97 -8.82 28.14
CA ALA B 77 -11.09 -9.46 29.45
C ALA B 77 -11.25 -10.98 29.32
N PRO B 78 -10.75 -11.73 30.29
CA PRO B 78 -10.94 -13.19 30.27
C PRO B 78 -12.42 -13.56 30.44
N GLY B 79 -12.89 -14.44 29.56
CA GLY B 79 -14.25 -14.92 29.60
C GLY B 79 -15.11 -14.50 28.42
N ARG B 80 -14.67 -13.52 27.64
CA ARG B 80 -15.44 -13.04 26.51
C ARG B 80 -15.40 -14.04 25.36
N VAL B 81 -16.38 -13.91 24.46
CA VAL B 81 -16.44 -14.72 23.25
C VAL B 81 -15.68 -13.99 22.14
N LEU B 82 -14.75 -14.68 21.50
CA LEU B 82 -13.98 -14.14 20.40
C LEU B 82 -14.33 -14.85 19.10
N ILE B 83 -14.49 -14.07 18.03
CA ILE B 83 -14.83 -14.58 16.71
C ILE B 83 -13.82 -14.03 15.72
N CYS B 84 -13.16 -14.92 14.98
CA CYS B 84 -12.16 -14.54 13.98
C CYS B 84 -12.54 -15.07 12.61
N THR B 85 -12.29 -14.27 11.57
CA THR B 85 -12.55 -14.69 10.21
C THR B 85 -11.61 -13.94 9.26
N VAL B 86 -11.14 -14.64 8.23
CA VAL B 86 -10.14 -14.13 7.29
C VAL B 86 -10.81 -13.71 5.99
N LYS B 87 -10.39 -12.57 5.46
CA LYS B 87 -10.79 -12.11 4.14
C LYS B 87 -9.55 -11.98 3.27
N ASP B 88 -9.54 -12.69 2.14
CA ASP B 88 -8.47 -12.62 1.14
C ASP B 88 -7.18 -13.25 1.64
N GLU B 89 -6.44 -12.56 2.52
CA GLU B 89 -5.13 -13.06 2.94
C GLU B 89 -4.82 -12.57 4.34
N GLY B 90 -4.46 -13.49 5.23
CA GLY B 90 -4.20 -13.13 6.61
C GLY B 90 -2.94 -13.72 7.22
N SER B 91 -2.04 -14.29 6.41
CA SER B 91 -0.88 -14.98 6.94
C SER B 91 0.46 -14.39 6.51
N PHE B 92 0.49 -13.49 5.53
CA PHE B 92 1.76 -13.07 4.93
C PHE B 92 2.75 -12.59 6.00
N HIS B 93 2.30 -11.70 6.87
CA HIS B 93 3.16 -11.17 7.94
C HIS B 93 2.59 -11.52 9.32
N LEU B 94 2.08 -12.73 9.45
CA LEU B 94 1.62 -13.25 10.74
C LEU B 94 2.78 -14.01 11.38
N LYS B 95 3.40 -13.40 12.38
CA LYS B 95 4.63 -13.91 12.97
C LYS B 95 4.36 -14.91 14.10
N ASP B 96 5.44 -15.40 14.71
CA ASP B 96 5.32 -16.55 15.61
C ASP B 96 4.66 -16.17 16.93
N THR B 97 4.93 -14.97 17.44
CA THR B 97 4.31 -14.56 18.70
C THR B 97 2.78 -14.50 18.58
N ALA B 98 2.28 -13.99 17.47
CA ALA B 98 0.83 -13.96 17.25
C ALA B 98 0.28 -15.37 17.07
N LYS B 99 0.99 -16.23 16.34
CA LYS B 99 0.54 -17.61 16.16
C LYS B 99 0.48 -18.33 17.50
N ALA B 100 1.46 -18.08 18.38
CA ALA B 100 1.45 -18.70 19.69
C ALA B 100 0.26 -18.23 20.52
N LEU B 101 -0.12 -16.96 20.38
CA LEU B 101 -1.28 -16.47 21.10
C LEU B 101 -2.56 -17.14 20.62
N LEU B 102 -2.71 -17.29 19.29
CA LEU B 102 -3.86 -18.03 18.77
C LEU B 102 -3.88 -19.46 19.30
N ARG B 103 -2.71 -20.09 19.42
CA ARG B 103 -2.66 -21.45 19.94
C ARG B 103 -3.07 -21.50 21.40
N SER B 104 -2.66 -20.50 22.20
CA SER B 104 -3.07 -20.48 23.60
C SER B 104 -4.55 -20.18 23.77
N LEU B 105 -5.17 -19.53 22.79
CA LEU B 105 -6.61 -19.36 22.76
C LEU B 105 -7.34 -20.61 22.27
N GLY B 106 -6.63 -21.71 22.06
CA GLY B 106 -7.23 -22.97 21.68
C GLY B 106 -7.37 -23.20 20.19
N SER B 107 -6.91 -22.28 19.35
CA SER B 107 -7.08 -22.42 17.91
C SER B 107 -6.10 -23.45 17.34
N GLN B 108 -6.62 -24.36 16.52
CA GLN B 108 -5.79 -25.39 15.90
C GLN B 108 -5.32 -25.03 14.52
N ALA B 109 -6.09 -24.23 13.78
CA ALA B 109 -5.74 -23.82 12.43
C ALA B 109 -5.02 -22.48 12.38
N GLY B 110 -5.26 -21.62 13.36
CA GLY B 110 -4.64 -20.31 13.43
C GLY B 110 -3.12 -20.32 13.35
N PRO B 111 -2.46 -21.05 14.25
CA PRO B 111 -0.98 -21.08 14.23
C PRO B 111 -0.39 -21.77 13.01
N ALA B 112 -1.19 -22.37 12.13
CA ALA B 112 -0.69 -22.98 10.91
C ALA B 112 -1.25 -22.30 9.66
N LEU B 113 -1.76 -21.09 9.80
CA LEU B 113 -2.41 -20.39 8.69
C LEU B 113 -1.41 -20.14 7.56
N GLY B 114 -1.83 -20.45 6.33
CA GLY B 114 -1.00 -20.33 5.16
C GLY B 114 -1.47 -19.23 4.22
N TRP B 115 -0.71 -19.07 3.14
CA TRP B 115 -0.99 -18.04 2.14
C TRP B 115 -2.37 -18.26 1.53
N ARG B 116 -3.27 -17.30 1.76
CA ARG B 116 -4.61 -17.23 1.19
C ARG B 116 -5.53 -18.34 1.67
N ASP B 117 -5.24 -18.93 2.82
CA ASP B 117 -6.20 -19.85 3.41
C ASP B 117 -7.42 -19.08 3.94
N THR B 118 -8.54 -19.78 4.00
CA THR B 118 -9.73 -19.26 4.68
C THR B 118 -9.80 -19.89 6.06
N TRP B 119 -10.26 -19.10 7.04
CA TRP B 119 -10.26 -19.55 8.41
C TRP B 119 -11.39 -18.88 9.18
N ALA B 120 -12.09 -19.67 9.99
CA ALA B 120 -13.12 -19.17 10.88
C ALA B 120 -12.94 -19.81 12.26
N PHE B 121 -13.27 -19.05 13.30
CA PHE B 121 -12.98 -19.48 14.66
C PHE B 121 -13.97 -18.83 15.63
N VAL B 122 -14.49 -19.63 16.56
CA VAL B 122 -15.30 -19.14 17.66
C VAL B 122 -14.82 -19.82 18.94
N GLY B 123 -14.43 -19.01 19.92
CA GLY B 123 -13.98 -19.55 21.20
C GLY B 123 -14.02 -18.51 22.29
N ARG B 124 -13.99 -18.99 23.53
CA ARG B 124 -14.02 -18.14 24.71
C ARG B 124 -12.61 -17.95 25.23
N LYS B 125 -12.22 -16.70 25.47
CA LYS B 125 -10.89 -16.42 26.00
C LYS B 125 -10.74 -17.02 27.38
N GLY B 126 -9.81 -17.97 27.51
CA GLY B 126 -9.61 -18.68 28.77
C GLY B 126 -10.46 -19.92 28.94
N GLY B 127 -11.45 -20.14 28.07
CA GLY B 127 -12.31 -21.28 28.15
C GLY B 127 -12.14 -22.23 26.98
N PRO B 128 -13.25 -22.83 26.55
CA PRO B 128 -13.17 -23.84 25.48
C PRO B 128 -13.25 -23.23 24.10
N VAL B 129 -13.16 -24.08 23.08
CA VAL B 129 -13.40 -23.70 21.69
C VAL B 129 -14.78 -24.19 21.30
N PHE B 130 -15.54 -23.35 20.61
CA PHE B 130 -16.88 -23.73 20.18
C PHE B 130 -16.96 -24.14 18.72
N GLY B 131 -15.99 -23.73 17.90
CA GLY B 131 -15.99 -24.14 16.50
C GLY B 131 -14.82 -23.56 15.72
N GLU B 132 -14.38 -24.27 14.68
CA GLU B 132 -13.28 -23.80 13.86
C GLU B 132 -13.31 -24.51 12.51
N LYS B 133 -13.29 -23.73 11.43
CA LYS B 133 -13.24 -24.27 10.07
C LYS B 133 -12.06 -23.65 9.31
N HIS B 134 -11.65 -24.34 8.26
CA HIS B 134 -10.31 -24.14 7.71
C HIS B 134 -10.21 -24.75 6.32
N SER B 135 -9.64 -24.00 5.38
CA SER B 135 -9.44 -24.48 4.02
C SER B 135 -8.11 -23.96 3.50
N LYS B 136 -7.26 -24.86 3.00
CA LYS B 136 -5.96 -24.51 2.48
C LYS B 136 -5.97 -24.54 0.95
N SER B 137 -5.35 -23.53 0.34
CA SER B 137 -5.35 -23.42 -1.11
C SER B 137 -4.37 -24.42 -1.73
N PRO B 138 -4.80 -25.12 -2.79
CA PRO B 138 -3.90 -26.10 -3.43
C PRO B 138 -2.63 -25.49 -4.00
N ALA B 139 -2.66 -24.22 -4.39
CA ALA B 139 -1.49 -23.57 -4.97
C ALA B 139 -1.55 -22.08 -4.68
N LEU B 140 -0.37 -21.44 -4.73
CA LEU B 140 -0.29 -20.03 -4.34
C LEU B 140 -1.09 -19.11 -5.27
N SER B 141 -1.16 -19.44 -6.55
CA SER B 141 -1.92 -18.64 -7.50
C SER B 141 -3.44 -18.71 -7.27
N SER B 142 -3.93 -19.36 -6.22
CA SER B 142 -5.37 -19.48 -5.98
C SER B 142 -5.65 -19.35 -4.49
N TRP B 143 -6.93 -19.21 -4.17
CA TRP B 143 -7.42 -19.04 -2.81
C TRP B 143 -8.02 -20.33 -2.27
N GLY B 144 -8.03 -20.44 -0.94
CA GLY B 144 -8.73 -21.55 -0.31
C GLY B 144 -10.23 -21.41 -0.48
N ASP B 145 -10.91 -22.56 -0.50
CA ASP B 145 -12.35 -22.59 -0.65
C ASP B 145 -13.02 -21.84 0.50
N PRO B 146 -14.14 -21.17 0.24
CA PRO B 146 -14.88 -20.51 1.34
C PRO B 146 -15.33 -21.52 2.39
N VAL B 147 -15.45 -21.03 3.62
CA VAL B 147 -15.89 -21.86 4.74
C VAL B 147 -17.03 -21.15 5.45
N LEU B 148 -17.99 -21.94 5.94
CA LEU B 148 -19.16 -21.42 6.65
C LEU B 148 -19.25 -22.15 7.98
N LEU B 149 -18.81 -21.49 9.05
CA LEU B 149 -18.84 -22.08 10.38
C LEU B 149 -20.19 -21.83 11.03
N LYS B 150 -20.68 -22.83 11.75
CA LYS B 150 -21.99 -22.79 12.39
C LYS B 150 -21.92 -23.54 13.70
N THR B 151 -22.00 -22.83 14.82
CA THR B 151 -21.90 -23.47 16.13
C THR B 151 -22.81 -22.76 17.13
N ASP B 152 -22.93 -23.38 18.30
CA ASP B 152 -23.74 -22.87 19.40
C ASP B 152 -22.83 -22.54 20.58
N VAL B 153 -22.99 -21.33 21.12
CA VAL B 153 -22.19 -20.89 22.26
C VAL B 153 -23.09 -20.90 23.49
N PRO B 154 -22.73 -21.62 24.55
CA PRO B 154 -23.50 -21.53 25.80
C PRO B 154 -23.24 -20.18 26.48
N LEU B 155 -24.32 -19.55 26.94
CA LEU B 155 -24.22 -18.29 27.65
C LEU B 155 -23.96 -18.55 29.14
N SER B 156 -23.59 -17.49 29.84
CA SER B 156 -23.26 -17.57 31.26
C SER B 156 -24.20 -16.66 32.06
N SER B 157 -24.15 -16.80 33.38
CA SER B 157 -24.94 -15.96 34.25
C SER B 157 -24.41 -14.53 34.24
N ALA B 158 -25.26 -13.60 34.67
CA ALA B 158 -24.88 -12.19 34.74
C ALA B 158 -23.94 -11.91 35.90
N GLU B 159 -23.91 -12.76 36.93
CA GLU B 159 -22.93 -12.60 38.00
C GLU B 159 -21.52 -12.79 37.46
N GLU B 160 -21.29 -13.89 36.72
CA GLU B 160 -20.14 -13.97 35.84
C GLU B 160 -20.31 -12.94 34.72
N ALA B 161 -19.25 -12.77 33.92
CA ALA B 161 -19.23 -11.81 32.82
C ALA B 161 -19.29 -10.37 33.33
N GLU B 162 -19.43 -10.20 34.64
CA GLU B 162 -19.52 -8.90 35.28
C GLU B 162 -18.51 -8.86 36.42
N CYS B 163 -18.35 -7.69 37.01
CA CYS B 163 -17.35 -7.49 38.05
C CYS B 163 -17.96 -6.66 39.17
N HIS B 164 -17.35 -6.77 40.36
CA HIS B 164 -17.95 -6.23 41.58
C HIS B 164 -16.89 -5.43 42.33
N TRP B 165 -16.67 -4.19 41.90
CA TRP B 165 -15.76 -3.31 42.63
C TRP B 165 -16.52 -2.56 43.72
N ALA B 166 -15.74 -1.96 44.62
CA ALA B 166 -16.30 -1.09 45.64
C ALA B 166 -17.10 0.02 44.98
N ASP B 167 -18.14 0.47 45.67
CA ASP B 167 -19.24 1.18 45.02
C ASP B 167 -19.01 2.69 45.19
N THR B 168 -18.12 3.21 44.35
CA THR B 168 -17.79 4.63 44.34
C THR B 168 -18.20 5.25 43.01
N GLU B 169 -18.40 6.57 43.02
CA GLU B 169 -18.79 7.28 41.80
C GLU B 169 -17.80 7.02 40.67
N LEU B 170 -16.55 6.73 41.03
CA LEU B 170 -15.55 6.38 40.05
C LEU B 170 -15.84 5.05 39.40
N ASN B 171 -16.12 4.04 40.21
CA ASN B 171 -16.35 2.72 39.66
C ASN B 171 -17.68 2.61 38.94
N ARG B 172 -18.54 3.64 39.02
CA ARG B 172 -19.72 3.69 38.17
C ARG B 172 -19.37 4.12 36.76
N ARG B 173 -18.62 5.22 36.65
CA ARG B 173 -18.11 5.61 35.34
C ARG B 173 -17.31 4.47 34.74
N ARG B 174 -16.56 3.74 35.58
CA ARG B 174 -15.81 2.59 35.10
C ARG B 174 -16.74 1.45 34.69
N ARG B 175 -17.80 1.21 35.48
CA ARG B 175 -18.74 0.13 35.17
C ARG B 175 -19.59 0.44 33.95
N ARG B 176 -20.02 1.71 33.82
CA ARG B 176 -20.76 2.11 32.63
C ARG B 176 -19.95 1.85 31.36
N PHE B 177 -18.63 2.08 31.43
CA PHE B 177 -17.74 1.87 30.30
C PHE B 177 -17.41 0.39 30.13
N CYS B 178 -16.93 -0.26 31.18
CA CYS B 178 -16.38 -1.62 31.06
C CYS B 178 -17.42 -2.66 30.65
N SER B 179 -18.70 -2.45 30.95
CA SER B 179 -19.72 -3.41 30.56
C SER B 179 -20.28 -3.14 29.16
N LYS B 180 -19.77 -2.13 28.47
CA LYS B 180 -20.20 -1.81 27.11
C LYS B 180 -19.09 -1.95 26.08
N VAL B 181 -17.86 -1.58 26.44
CA VAL B 181 -16.74 -1.53 25.52
C VAL B 181 -15.63 -2.43 26.04
N GLU B 182 -14.97 -3.14 25.12
CA GLU B 182 -13.79 -3.94 25.45
C GLU B 182 -12.62 -3.48 24.59
N GLY B 183 -11.42 -3.90 24.98
CA GLY B 183 -10.20 -3.55 24.30
C GLY B 183 -9.37 -2.47 24.94
N TYR B 184 -9.69 -2.08 26.18
CA TYR B 184 -8.99 -0.97 26.83
C TYR B 184 -8.13 -1.40 28.01
N GLY B 185 -8.11 -2.69 28.34
CA GLY B 185 -7.03 -3.23 29.14
C GLY B 185 -7.21 -3.30 30.63
N SER B 186 -6.15 -2.98 31.37
CA SER B 186 -6.14 -3.11 32.83
C SER B 186 -7.06 -2.10 33.51
N VAL B 187 -7.62 -1.14 32.77
CA VAL B 187 -8.60 -0.23 33.36
C VAL B 187 -9.94 -0.91 33.55
N CYS B 188 -10.12 -2.09 32.95
CA CYS B 188 -11.31 -2.89 33.14
C CYS B 188 -10.98 -4.16 33.91
N SER B 189 -9.70 -4.34 34.29
CA SER B 189 -9.29 -5.46 35.12
C SER B 189 -10.11 -5.48 36.41
N CYS B 190 -10.59 -6.66 36.76
CA CYS B 190 -11.60 -6.77 37.79
C CYS B 190 -11.05 -7.15 39.15
N LYS B 191 -9.77 -7.52 39.23
CA LYS B 191 -9.15 -7.69 40.54
C LYS B 191 -8.48 -6.40 41.00
N ASP B 192 -7.71 -5.75 40.12
CA ASP B 192 -7.06 -4.49 40.44
C ASP B 192 -7.11 -3.56 39.23
N PRO B 193 -8.19 -2.79 39.09
CA PRO B 193 -8.26 -1.83 37.99
C PRO B 193 -7.26 -0.70 38.17
N THR B 194 -6.94 -0.05 37.07
CA THR B 194 -5.97 1.03 37.07
C THR B 194 -6.68 2.38 37.11
N PRO B 195 -5.99 3.44 37.53
CA PRO B 195 -6.68 4.71 37.78
C PRO B 195 -7.28 5.33 36.53
N ILE B 196 -8.46 5.93 36.71
CA ILE B 196 -9.13 6.74 35.68
C ILE B 196 -9.12 8.23 36.02
N GLU B 197 -8.58 8.63 37.17
CA GLU B 197 -8.26 10.05 37.41
C GLU B 197 -6.80 10.20 37.74
N PHE B 198 -6.34 11.44 37.57
CA PHE B 198 -4.93 11.77 37.61
C PHE B 198 -4.73 12.96 38.54
N SER B 199 -3.55 13.00 39.14
CA SER B 199 -3.18 14.05 40.09
C SER B 199 -1.94 14.78 39.58
N PRO B 200 -2.07 15.62 38.55
CA PRO B 200 -0.91 16.38 38.09
C PRO B 200 -0.56 17.49 39.06
N ASP B 201 0.70 17.88 39.05
CA ASP B 201 1.15 18.95 39.92
C ASP B 201 0.49 20.27 39.50
N PRO B 202 0.11 21.13 40.45
CA PRO B 202 -0.41 22.43 40.07
C PRO B 202 0.68 23.32 39.51
N LEU B 203 0.25 24.35 38.78
CA LEU B 203 1.16 25.29 38.14
C LEU B 203 1.07 26.63 38.87
N PRO B 204 2.11 27.04 39.60
CA PRO B 204 2.02 28.31 40.33
C PRO B 204 2.03 29.49 39.36
N ASP B 205 1.16 30.46 39.64
CA ASP B 205 0.97 31.64 38.78
CA ASP B 205 0.98 31.64 38.78
C ASP B 205 0.58 31.21 37.36
N ASN B 206 -0.48 30.42 37.27
CA ASN B 206 -0.94 29.90 36.00
C ASN B 206 -1.65 31.00 35.21
N LYS B 207 -1.13 31.31 34.03
CA LYS B 207 -1.69 32.34 33.17
C LYS B 207 -2.73 31.84 32.19
N VAL B 208 -2.94 30.53 32.10
CA VAL B 208 -3.90 29.98 31.15
C VAL B 208 -5.06 29.27 31.87
N LEU B 209 -5.31 29.65 33.13
CA LEU B 209 -6.39 29.04 33.90
C LEU B 209 -7.75 29.28 33.23
N ASN B 210 -7.94 30.44 32.61
CA ASN B 210 -9.20 30.78 31.98
C ASN B 210 -9.16 30.61 30.47
N VAL B 211 -8.32 29.73 29.97
CA VAL B 211 -8.15 29.48 28.54
C VAL B 211 -8.79 28.15 28.20
N PRO B 212 -9.91 28.14 27.46
CA PRO B 212 -10.61 26.89 27.14
C PRO B 212 -9.79 26.01 26.20
N VAL B 213 -10.00 24.71 26.34
CA VAL B 213 -9.31 23.69 25.53
C VAL B 213 -10.35 22.97 24.69
N ALA B 214 -10.14 22.95 23.38
CA ALA B 214 -11.07 22.31 22.43
C ALA B 214 -10.37 21.12 21.79
N VAL B 215 -10.87 19.93 22.08
CA VAL B 215 -10.37 18.69 21.48
C VAL B 215 -11.20 18.37 20.24
N ILE B 216 -10.54 18.20 19.11
CA ILE B 216 -11.19 17.85 17.84
C ILE B 216 -11.06 16.35 17.64
N ALA B 217 -12.19 15.66 17.55
CA ALA B 217 -12.21 14.21 17.45
C ALA B 217 -13.15 13.75 16.35
N GLY B 218 -12.78 12.64 15.71
CA GLY B 218 -13.66 11.94 14.79
C GLY B 218 -14.12 10.63 15.40
N ASN B 219 -13.96 9.53 14.69
CA ASN B 219 -14.32 8.20 15.22
C ASN B 219 -13.06 7.36 15.31
N ARG B 220 -12.17 7.72 16.24
CA ARG B 220 -10.98 6.95 16.57
C ARG B 220 -10.85 6.86 18.09
N PRO B 221 -11.72 6.08 18.74
CA PRO B 221 -11.76 6.11 20.22
C PRO B 221 -10.45 5.68 20.88
N ASN B 222 -9.71 4.73 20.30
CA ASN B 222 -8.45 4.33 20.88
CA ASN B 222 -8.44 4.32 20.87
C ASN B 222 -7.46 5.48 20.91
N TYR B 223 -7.42 6.29 19.85
CA TYR B 223 -6.55 7.46 19.83
C TYR B 223 -7.01 8.49 20.87
N LEU B 224 -8.30 8.80 20.89
CA LEU B 224 -8.83 9.79 21.83
C LEU B 224 -8.57 9.35 23.27
N TYR B 225 -8.77 8.07 23.56
CA TYR B 225 -8.46 7.52 24.87
C TYR B 225 -7.05 7.89 25.32
N ARG B 226 -6.06 7.57 24.49
CA ARG B 226 -4.66 7.77 24.86
C ARG B 226 -4.32 9.27 24.95
N MET B 227 -4.87 10.08 24.04
CA MET B 227 -4.60 11.51 24.06
C MET B 227 -5.12 12.17 25.33
N LEU B 228 -6.32 11.80 25.77
CA LEU B 228 -6.89 12.40 26.96
C LEU B 228 -6.11 12.03 28.22
N ARG B 229 -5.53 10.83 28.26
CA ARG B 229 -4.76 10.44 29.43
C ARG B 229 -3.56 11.37 29.64
N SER B 230 -2.86 11.71 28.55
CA SER B 230 -1.72 12.61 28.67
C SER B 230 -2.16 14.04 28.96
N LEU B 231 -3.28 14.46 28.37
CA LEU B 231 -3.78 15.81 28.60
C LEU B 231 -4.15 16.01 30.07
N LEU B 232 -4.82 15.04 30.67
CA LEU B 232 -5.19 15.14 32.09
C LEU B 232 -4.00 14.93 33.02
N SER B 233 -2.84 14.53 32.50
CA SER B 233 -1.64 14.37 33.32
C SER B 233 -0.69 15.56 33.24
N ALA B 234 -0.88 16.46 32.27
CA ALA B 234 0.00 17.61 32.14
C ALA B 234 -0.16 18.55 33.33
N GLN B 235 0.97 19.12 33.76
CA GLN B 235 0.96 20.04 34.89
C GLN B 235 0.13 21.27 34.57
N GLY B 236 -0.75 21.65 35.51
CA GLY B 236 -1.55 22.85 35.37
C GLY B 236 -2.82 22.69 34.56
N VAL B 237 -3.23 21.47 34.24
CA VAL B 237 -4.44 21.26 33.46
C VAL B 237 -5.67 21.61 34.31
N SER B 238 -6.72 22.08 33.66
CA SER B 238 -8.01 22.35 34.31
C SER B 238 -9.08 21.51 33.64
N PRO B 239 -9.42 20.35 34.19
CA PRO B 239 -10.33 19.42 33.48
C PRO B 239 -11.64 20.04 33.03
N GLN B 240 -12.16 21.02 33.77
CA GLN B 240 -13.45 21.60 33.43
C GLN B 240 -13.35 22.64 32.33
N MET B 241 -12.14 22.99 31.89
CA MET B 241 -11.95 23.85 30.72
C MET B 241 -11.99 23.09 29.41
N ILE B 242 -12.03 21.75 29.46
CA ILE B 242 -11.89 20.91 28.27
C ILE B 242 -13.27 20.62 27.68
N THR B 243 -13.37 20.72 26.36
CA THR B 243 -14.57 20.30 25.64
C THR B 243 -14.15 19.42 24.47
N VAL B 244 -14.81 18.27 24.31
CA VAL B 244 -14.51 17.31 23.26
C VAL B 244 -15.57 17.41 22.17
N PHE B 245 -15.14 17.72 20.94
CA PHE B 245 -16.02 17.87 19.80
C PHE B 245 -15.86 16.67 18.86
N ILE B 246 -16.93 15.88 18.74
CA ILE B 246 -16.93 14.65 17.96
C ILE B 246 -17.70 14.90 16.67
N ASP B 247 -17.03 14.65 15.53
CA ASP B 247 -17.60 14.89 14.21
C ASP B 247 -18.45 13.68 13.82
N GLY B 248 -19.67 13.66 14.34
CA GLY B 248 -20.58 12.53 14.14
C GLY B 248 -21.15 12.04 15.46
N TYR B 249 -22.09 11.12 15.33
CA TYR B 249 -22.80 10.57 16.49
C TYR B 249 -22.30 9.18 16.86
N TYR B 250 -20.98 9.03 16.93
CA TYR B 250 -20.37 7.74 17.25
C TYR B 250 -20.42 7.48 18.75
N GLU B 251 -20.78 6.25 19.11
CA GLU B 251 -21.03 5.94 20.52
C GLU B 251 -19.74 5.80 21.33
N GLU B 252 -18.77 5.03 20.82
CA GLU B 252 -17.61 4.70 21.65
C GLU B 252 -16.72 5.90 21.97
N PRO B 253 -16.50 6.84 21.04
CA PRO B 253 -15.79 8.06 21.46
C PRO B 253 -16.49 8.80 22.57
N MET B 254 -17.83 8.89 22.50
CA MET B 254 -18.58 9.55 23.55
C MET B 254 -18.46 8.81 24.87
N ASP B 255 -18.34 7.48 24.83
CA ASP B 255 -18.16 6.70 26.05
C ASP B 255 -16.80 6.95 26.68
N VAL B 256 -15.75 7.13 25.86
CA VAL B 256 -14.44 7.46 26.38
C VAL B 256 -14.48 8.78 27.14
N VAL B 257 -15.15 9.78 26.56
CA VAL B 257 -15.25 11.09 27.21
C VAL B 257 -16.02 10.98 28.53
N ALA B 258 -17.08 10.15 28.54
CA ALA B 258 -17.83 9.96 29.78
C ALA B 258 -17.01 9.25 30.84
N LEU B 259 -16.09 8.38 30.42
CA LEU B 259 -15.27 7.63 31.37
C LEU B 259 -14.41 8.57 32.21
N PHE B 260 -13.90 9.64 31.60
CA PHE B 260 -13.10 10.62 32.31
C PHE B 260 -13.93 11.76 32.89
N GLY B 261 -15.24 11.75 32.67
CA GLY B 261 -16.11 12.77 33.22
C GLY B 261 -15.86 14.15 32.63
N LEU B 262 -15.80 14.23 31.31
CA LEU B 262 -15.57 15.47 30.60
C LEU B 262 -16.80 15.86 29.79
N ARG B 263 -16.81 17.12 29.37
CA ARG B 263 -17.86 17.65 28.52
C ARG B 263 -17.65 17.20 27.07
N GLY B 264 -18.70 16.64 26.48
CA GLY B 264 -18.62 16.18 25.09
C GLY B 264 -19.80 16.64 24.28
N ILE B 265 -19.53 16.97 23.02
CA ILE B 265 -20.54 17.51 22.11
C ILE B 265 -20.45 16.78 20.78
N GLN B 266 -21.57 16.20 20.36
CA GLN B 266 -21.65 15.49 19.08
C GLN B 266 -22.28 16.40 18.03
N HIS B 267 -21.78 16.29 16.81
CA HIS B 267 -22.03 17.26 15.74
C HIS B 267 -22.38 16.50 14.46
N THR B 268 -23.39 16.99 13.75
CA THR B 268 -23.80 16.33 12.51
C THR B 268 -22.82 16.67 11.39
N PRO B 269 -22.27 15.66 10.70
CA PRO B 269 -21.23 15.95 9.69
C PRO B 269 -21.82 16.64 8.47
N ILE B 270 -21.07 17.60 7.93
CA ILE B 270 -21.46 18.33 6.74
C ILE B 270 -20.43 18.06 5.65
N SER B 271 -20.91 17.99 4.41
CA SER B 271 -20.05 17.79 3.23
C SER B 271 -19.23 16.52 3.44
N ILE B 272 -17.96 16.49 3.03
CA ILE B 272 -17.37 15.21 2.68
C ILE B 272 -15.86 15.37 2.49
N LYS B 273 -15.10 14.51 3.16
CA LYS B 273 -13.64 14.51 3.18
C LYS B 273 -13.04 15.78 3.79
N ASN B 274 -12.08 16.44 3.13
CA ASN B 274 -11.41 17.56 3.78
C ASN B 274 -12.36 18.75 3.98
N ALA B 275 -13.43 18.83 3.19
CA ALA B 275 -14.45 19.83 3.46
C ALA B 275 -15.18 19.51 4.76
N ARG B 276 -15.45 18.23 5.02
CA ARG B 276 -16.10 17.83 6.25
C ARG B 276 -15.27 18.22 7.47
N VAL B 277 -13.96 17.96 7.42
CA VAL B 277 -13.08 18.32 8.53
C VAL B 277 -13.09 19.83 8.74
N SER B 278 -12.99 20.58 7.64
CA SER B 278 -12.95 22.04 7.73
C SER B 278 -14.19 22.59 8.42
N GLN B 279 -15.37 22.12 8.03
CA GLN B 279 -16.61 22.59 8.65
C GLN B 279 -16.73 22.15 10.10
N HIS B 280 -16.17 20.99 10.44
CA HIS B 280 -16.15 20.57 11.84
C HIS B 280 -15.30 21.52 12.68
N TYR B 281 -14.18 22.00 12.12
CA TYR B 281 -13.34 22.95 12.84
C TYR B 281 -14.08 24.24 13.12
N LYS B 282 -14.72 24.80 12.08
CA LYS B 282 -15.42 26.06 12.26
C LYS B 282 -16.58 25.90 13.23
N ALA B 283 -17.28 24.76 13.16
CA ALA B 283 -18.35 24.50 14.11
C ALA B 283 -17.82 24.39 15.54
N SER B 284 -16.64 23.82 15.71
CA SER B 284 -16.09 23.63 17.06
C SER B 284 -15.59 24.95 17.63
N LEU B 285 -14.82 25.71 16.85
CA LEU B 285 -14.27 26.96 17.36
C LEU B 285 -15.36 27.99 17.64
N THR B 286 -16.40 28.04 16.79
CA THR B 286 -17.54 28.88 17.09
C THR B 286 -18.20 28.47 18.40
N ALA B 287 -18.33 27.16 18.63
CA ALA B 287 -18.99 26.69 19.84
C ALA B 287 -18.18 27.00 21.09
N THR B 288 -16.85 26.86 21.00
CA THR B 288 -16.00 27.10 22.17
C THR B 288 -16.12 28.55 22.64
N PHE B 289 -16.06 29.50 21.71
CA PHE B 289 -16.17 30.90 22.09
C PHE B 289 -17.58 31.29 22.49
N ASN B 290 -18.58 30.43 22.25
CA ASN B 290 -19.92 30.64 22.79
C ASN B 290 -20.08 30.09 24.19
N LEU B 291 -19.46 28.93 24.47
CA LEU B 291 -19.51 28.37 25.82
C LEU B 291 -18.73 29.22 26.81
N PHE B 292 -17.67 29.89 26.35
CA PHE B 292 -16.82 30.73 27.18
C PHE B 292 -16.81 32.15 26.60
N PRO B 293 -17.85 32.94 26.88
CA PRO B 293 -17.98 34.26 26.24
C PRO B 293 -16.93 35.27 26.69
N GLU B 294 -16.18 34.99 27.75
CA GLU B 294 -15.15 35.89 28.23
C GLU B 294 -13.73 35.45 27.86
N ALA B 295 -13.59 34.35 27.14
CA ALA B 295 -12.27 33.87 26.77
C ALA B 295 -11.66 34.76 25.68
N LYS B 296 -10.37 35.03 25.82
CA LYS B 296 -9.63 35.75 24.79
C LYS B 296 -8.81 34.83 23.90
N PHE B 297 -8.52 33.61 24.35
CA PHE B 297 -7.78 32.63 23.57
C PHE B 297 -8.45 31.27 23.71
N ALA B 298 -7.99 30.32 22.89
CA ALA B 298 -8.46 28.95 22.99
C ALA B 298 -7.37 28.02 22.48
N VAL B 299 -7.18 26.90 23.17
CA VAL B 299 -6.21 25.89 22.77
C VAL B 299 -6.93 24.85 21.93
N VAL B 300 -6.42 24.60 20.72
CA VAL B 300 -7.01 23.63 19.80
C VAL B 300 -6.07 22.45 19.71
N LEU B 301 -6.56 21.27 20.11
CA LEU B 301 -5.79 20.03 20.06
C LEU B 301 -6.55 18.97 19.29
N GLU B 302 -5.83 18.16 18.53
CA GLU B 302 -6.42 17.03 17.85
C GLU B 302 -6.23 15.76 18.68
N GLU B 303 -7.07 14.76 18.39
CA GLU B 303 -7.16 13.57 19.24
C GLU B 303 -6.01 12.58 19.05
N ASP B 304 -5.11 12.81 18.10
CA ASP B 304 -4.01 11.89 17.84
C ASP B 304 -2.66 12.49 18.25
N LEU B 305 -2.66 13.33 19.29
CA LEU B 305 -1.45 13.95 19.81
C LEU B 305 -1.14 13.42 21.21
N ASP B 306 0.13 13.24 21.51
CA ASP B 306 0.56 13.13 22.90
C ASP B 306 0.91 14.52 23.41
N ILE B 307 0.39 14.86 24.59
CA ILE B 307 0.57 16.18 25.18
C ILE B 307 1.70 16.11 26.20
N ALA B 308 2.70 16.97 26.03
CA ALA B 308 3.86 16.95 26.92
C ALA B 308 3.47 17.41 28.33
N VAL B 309 4.22 16.91 29.31
CA VAL B 309 3.90 17.14 30.71
C VAL B 309 4.00 18.63 31.07
N ASP B 310 4.84 19.38 30.36
CA ASP B 310 5.00 20.81 30.61
C ASP B 310 4.25 21.66 29.59
N PHE B 311 3.28 21.08 28.89
CA PHE B 311 2.59 21.79 27.81
C PHE B 311 1.98 23.10 28.29
N PHE B 312 1.36 23.09 29.47
CA PHE B 312 0.70 24.30 29.96
C PHE B 312 1.68 25.26 30.62
N SER B 313 2.73 24.72 31.24
CA SER B 313 3.84 25.59 31.69
C SER B 313 4.43 26.36 30.51
N PHE B 314 4.53 25.71 29.35
CA PHE B 314 5.04 26.37 28.15
C PHE B 314 4.09 27.47 27.70
N LEU B 315 2.78 27.19 27.66
CA LEU B 315 1.82 28.22 27.28
C LEU B 315 1.68 29.30 28.33
N SER B 316 1.79 28.94 29.61
CA SER B 316 1.66 29.91 30.68
C SER B 316 2.76 30.97 30.63
N GLN B 317 3.90 30.66 30.01
CA GLN B 317 5.05 31.56 29.99
C GLN B 317 5.13 32.39 28.71
N SER B 318 4.44 31.99 27.66
CA SER B 318 4.54 32.68 26.38
C SER B 318 3.23 33.28 25.90
N ILE B 319 2.12 33.04 26.59
CA ILE B 319 0.82 33.53 26.12
C ILE B 319 0.79 35.05 26.04
N HIS B 320 1.54 35.73 26.91
CA HIS B 320 1.53 37.19 26.89
C HIS B 320 2.13 37.76 25.61
N LEU B 321 2.90 36.95 24.87
CA LEU B 321 3.40 37.42 23.57
C LEU B 321 2.26 37.66 22.59
N LEU B 322 1.19 36.85 22.66
CA LEU B 322 0.05 37.05 21.79
C LEU B 322 -0.74 38.30 22.18
N GLU B 323 -0.74 38.65 23.47
CA GLU B 323 -1.46 39.85 23.90
C GLU B 323 -0.72 41.13 23.56
N GLU B 324 0.56 41.05 23.21
CA GLU B 324 1.40 42.23 23.08
C GLU B 324 2.01 42.45 21.71
N ASP B 325 1.96 41.46 20.82
CA ASP B 325 2.56 41.58 19.49
C ASP B 325 1.49 41.28 18.45
N ASP B 326 1.10 42.31 17.68
CA ASP B 326 0.10 42.13 16.63
C ASP B 326 0.66 41.40 15.41
N SER B 327 1.98 41.33 15.26
CA SER B 327 2.54 40.57 14.16
C SER B 327 2.57 39.07 14.43
N LEU B 328 2.09 38.62 15.59
CA LEU B 328 2.05 37.20 15.91
C LEU B 328 0.71 36.61 15.50
N TYR B 329 0.76 35.57 14.68
CA TYR B 329 -0.44 34.89 14.19
C TYR B 329 -0.96 33.88 15.21
N CYS B 330 -0.07 33.15 15.87
CA CYS B 330 -0.47 32.06 16.76
C CYS B 330 0.73 31.65 17.61
N ILE B 331 0.48 30.72 18.53
CA ILE B 331 1.52 29.97 19.23
C ILE B 331 1.25 28.49 19.00
N SER B 332 2.31 27.73 18.75
CA SER B 332 2.18 26.30 18.46
C SER B 332 3.22 25.51 19.23
N ALA B 333 2.84 24.28 19.60
CA ALA B 333 3.73 23.36 20.29
C ALA B 333 4.61 22.56 19.33
N TRP B 334 4.42 22.71 18.03
CA TRP B 334 5.01 21.82 17.03
C TRP B 334 6.11 22.54 16.26
N ASN B 335 7.30 21.95 16.23
CA ASN B 335 8.42 22.44 15.42
C ASN B 335 8.62 21.48 14.25
N ASP B 336 8.27 21.95 13.04
CA ASP B 336 8.26 21.07 11.86
C ASP B 336 9.63 20.49 11.57
N GLN B 337 10.71 21.17 11.99
CA GLN B 337 12.06 20.69 11.68
C GLN B 337 12.80 20.16 12.90
N GLY B 338 12.08 19.85 13.99
CA GLY B 338 12.72 19.43 15.21
C GLY B 338 12.75 17.93 15.43
N TYR B 339 13.65 17.24 14.75
CA TYR B 339 13.76 15.79 14.89
C TYR B 339 14.77 15.45 16.00
N GLU B 340 14.81 14.15 16.34
CA GLU B 340 15.65 13.71 17.45
CA GLU B 340 15.65 13.71 17.45
C GLU B 340 17.12 14.10 17.25
N HIS B 341 17.56 14.27 16.01
CA HIS B 341 18.95 14.62 15.76
C HIS B 341 19.17 16.09 15.44
N THR B 342 18.11 16.90 15.33
CA THR B 342 18.25 18.31 14.95
C THR B 342 17.63 19.29 15.95
N ALA B 343 17.05 18.84 17.06
CA ALA B 343 16.39 19.69 18.05
C ALA B 343 16.89 19.37 19.45
N GLU B 344 16.82 20.36 20.35
CA GLU B 344 17.67 20.34 21.56
C GLU B 344 17.14 21.02 22.80
N ASP B 345 17.34 22.33 22.82
CA ASP B 345 17.23 23.13 24.02
C ASP B 345 15.76 23.28 24.32
N PRO B 346 15.28 22.68 25.40
CA PRO B 346 13.87 22.81 25.75
C PRO B 346 13.48 24.19 26.24
N ALA B 347 14.43 25.11 26.42
CA ALA B 347 14.13 26.46 26.88
C ALA B 347 14.11 27.50 25.75
N LEU B 348 14.25 27.07 24.50
CA LEU B 348 14.46 27.94 23.37
C LEU B 348 13.20 28.05 22.51
N LEU B 349 12.96 29.24 21.95
CA LEU B 349 11.79 29.50 21.14
C LEU B 349 12.20 30.13 19.81
N TYR B 350 11.33 29.98 18.80
CA TYR B 350 11.56 30.52 17.46
C TYR B 350 10.33 31.29 16.97
N ARG B 351 10.57 32.14 15.98
CA ARG B 351 9.51 32.73 15.16
C ARG B 351 9.63 32.15 13.75
N VAL B 352 8.50 31.66 13.21
CA VAL B 352 8.49 31.08 11.88
C VAL B 352 7.32 31.66 11.07
N GLU B 353 7.48 31.64 9.74
CA GLU B 353 6.49 32.24 8.84
C GLU B 353 5.45 31.21 8.36
N THR B 354 4.79 30.57 9.32
CA THR B 354 3.79 29.56 8.97
C THR B 354 2.81 29.42 10.13
N MET B 355 1.83 28.54 9.96
CA MET B 355 0.93 28.10 11.02
C MET B 355 1.04 26.59 11.16
N PRO B 356 1.83 26.09 12.10
CA PRO B 356 2.06 24.63 12.15
C PRO B 356 0.88 23.82 12.64
N GLY B 357 0.00 24.39 13.47
CA GLY B 357 -1.05 23.56 14.04
C GLY B 357 -0.50 22.58 15.07
N LEU B 358 -1.17 21.43 15.18
CA LEU B 358 -0.75 20.32 16.05
C LEU B 358 -0.49 20.82 17.49
N GLY B 359 -1.55 21.36 18.09
CA GLY B 359 -1.43 21.97 19.40
C GLY B 359 -1.11 23.44 19.28
N TRP B 360 -2.14 24.29 19.27
CA TRP B 360 -1.92 25.70 18.96
C TRP B 360 -2.97 26.58 19.63
N VAL B 361 -2.61 27.84 19.83
CA VAL B 361 -3.43 28.81 20.55
C VAL B 361 -4.05 29.77 19.54
N LEU B 362 -5.35 29.99 19.66
CA LEU B 362 -6.13 30.78 18.72
C LEU B 362 -6.63 32.05 19.41
N ARG B 363 -6.32 33.20 18.83
CA ARG B 363 -6.83 34.46 19.35
C ARG B 363 -8.31 34.63 19.01
N ARG B 364 -9.10 35.09 19.99
CA ARG B 364 -10.53 35.23 19.76
C ARG B 364 -10.83 36.35 18.77
N SER B 365 -10.08 37.45 18.83
CA SER B 365 -10.27 38.52 17.86
C SER B 365 -9.94 38.03 16.45
N LEU B 366 -8.90 37.20 16.32
CA LEU B 366 -8.52 36.68 15.02
C LEU B 366 -9.65 35.87 14.39
N TYR B 367 -10.28 34.99 15.17
CA TYR B 367 -11.26 34.08 14.60
C TYR B 367 -12.57 34.81 14.27
N LYS B 368 -13.10 35.57 15.23
CA LYS B 368 -14.44 36.12 15.08
C LYS B 368 -14.50 37.34 14.17
N GLU B 369 -13.38 38.05 13.98
CA GLU B 369 -13.37 39.26 13.17
C GLU B 369 -12.70 39.10 11.82
N GLU B 370 -11.92 38.03 11.60
CA GLU B 370 -11.22 37.82 10.34
C GLU B 370 -11.57 36.48 9.69
N LEU B 371 -11.28 35.36 10.35
CA LEU B 371 -11.33 34.07 9.68
C LEU B 371 -12.76 33.60 9.42
N GLU B 372 -13.60 33.64 10.45
CA GLU B 372 -14.90 32.97 10.36
C GLU B 372 -15.87 33.65 9.39
N PRO B 373 -15.91 34.99 9.29
CA PRO B 373 -16.71 35.60 8.22
C PRO B 373 -16.38 35.10 6.81
N LYS B 374 -15.15 34.66 6.57
CA LYS B 374 -14.74 34.22 5.24
C LYS B 374 -14.33 32.75 5.21
N TRP B 375 -14.75 31.96 6.19
CA TRP B 375 -14.39 30.55 6.23
C TRP B 375 -14.87 29.85 4.95
N PRO B 376 -14.08 28.93 4.41
CA PRO B 376 -14.49 28.22 3.19
C PRO B 376 -15.84 27.51 3.35
N THR B 377 -16.66 27.64 2.31
CA THR B 377 -18.00 27.07 2.29
C THR B 377 -17.94 25.54 2.20
N PRO B 378 -19.04 24.84 2.51
CA PRO B 378 -18.99 23.37 2.55
C PRO B 378 -18.61 22.70 1.25
N GLU B 379 -18.80 23.35 0.09
CA GLU B 379 -18.50 22.69 -1.17
C GLU B 379 -17.03 22.81 -1.58
N LYS B 380 -16.20 23.48 -0.79
CA LYS B 380 -14.79 23.67 -1.13
C LYS B 380 -13.97 22.51 -0.58
N LEU B 381 -13.38 21.74 -1.48
CA LEU B 381 -12.51 20.63 -1.10
C LEU B 381 -11.12 21.14 -0.73
N TRP B 382 -11.09 21.95 0.34
CA TRP B 382 -9.87 22.57 0.80
C TRP B 382 -9.52 22.09 2.20
N ASP B 383 -8.22 22.10 2.49
CA ASP B 383 -7.74 21.83 3.84
C ASP B 383 -7.75 23.13 4.62
N TRP B 384 -8.28 23.09 5.84
CA TRP B 384 -8.44 24.31 6.62
C TRP B 384 -7.08 24.94 6.95
N ASP B 385 -6.09 24.10 7.27
CA ASP B 385 -4.79 24.63 7.68
C ASP B 385 -3.96 25.14 6.51
N MET B 386 -4.04 24.47 5.35
CA MET B 386 -3.40 25.00 4.16
C MET B 386 -4.03 26.33 3.75
N TRP B 387 -5.34 26.49 3.99
CA TRP B 387 -6.00 27.74 3.71
C TRP B 387 -5.58 28.84 4.69
N MET B 388 -5.48 28.52 5.98
CA MET B 388 -5.00 29.49 6.95
C MET B 388 -3.56 29.92 6.67
N ARG B 389 -2.78 29.11 5.96
CA ARG B 389 -1.40 29.44 5.64
C ARG B 389 -1.28 30.24 4.35
N MET B 390 -2.38 30.50 3.65
CA MET B 390 -2.34 31.32 2.45
C MET B 390 -2.17 32.80 2.83
N PRO B 391 -1.59 33.61 1.93
CA PRO B 391 -1.29 35.01 2.29
C PRO B 391 -2.51 35.83 2.69
N GLU B 392 -3.66 35.64 2.04
CA GLU B 392 -4.84 36.44 2.34
C GLU B 392 -5.32 36.26 3.77
N GLN B 393 -4.92 35.18 4.44
CA GLN B 393 -5.28 34.96 5.83
C GLN B 393 -4.13 35.24 6.79
N ARG B 394 -2.93 34.74 6.50
CA ARG B 394 -1.81 34.94 7.41
C ARG B 394 -1.28 36.36 7.35
N ARG B 395 -1.17 36.92 6.14
CA ARG B 395 -0.86 38.34 5.94
C ARG B 395 0.49 38.73 6.54
N GLY B 396 1.49 37.87 6.36
CA GLY B 396 2.84 38.17 6.79
C GLY B 396 3.14 37.98 8.26
N ARG B 397 2.18 37.50 9.05
CA ARG B 397 2.39 37.32 10.47
C ARG B 397 2.98 35.94 10.77
N GLU B 398 3.48 35.80 11.99
CA GLU B 398 4.28 34.64 12.38
C GLU B 398 3.68 33.95 13.59
N CYS B 399 4.23 32.77 13.90
CA CYS B 399 3.87 32.03 15.09
C CYS B 399 5.12 31.72 15.91
N ILE B 400 4.91 31.51 17.21
CA ILE B 400 5.95 31.09 18.15
C ILE B 400 5.95 29.57 18.24
N ILE B 401 7.14 28.98 18.20
CA ILE B 401 7.28 27.52 18.37
C ILE B 401 8.47 27.22 19.26
N PRO B 402 8.44 26.08 19.93
CA PRO B 402 9.61 25.64 20.69
C PRO B 402 10.60 24.92 19.79
N ASP B 403 11.85 24.88 20.25
CA ASP B 403 12.84 24.03 19.58
C ASP B 403 12.49 22.55 19.76
N VAL B 404 12.14 22.16 20.98
CA VAL B 404 11.73 20.80 21.29
C VAL B 404 10.21 20.80 21.48
N SER B 405 9.50 20.13 20.56
CA SER B 405 8.05 20.18 20.52
C SER B 405 7.41 19.66 21.80
N ARG B 406 6.27 20.26 22.14
CA ARG B 406 5.44 19.89 23.29
C ARG B 406 4.26 19.01 22.89
N SER B 407 4.21 18.55 21.65
CA SER B 407 3.20 17.61 21.20
C SER B 407 3.87 16.56 20.34
N TYR B 408 3.21 15.40 20.21
CA TYR B 408 3.73 14.29 19.43
C TYR B 408 2.58 13.65 18.65
N HIS B 409 2.77 13.49 17.35
CA HIS B 409 1.73 12.93 16.48
C HIS B 409 1.92 11.42 16.36
N PHE B 410 0.96 10.65 16.87
CA PHE B 410 1.00 9.20 16.76
C PHE B 410 -0.11 8.62 15.88
N GLY B 411 -0.95 9.46 15.29
CA GLY B 411 -2.07 8.97 14.50
C GLY B 411 -1.67 8.36 13.16
N ILE B 412 -1.37 7.05 13.16
CA ILE B 412 -0.94 6.40 11.92
C ILE B 412 -2.08 6.30 10.92
N VAL B 413 -3.31 6.09 11.39
CA VAL B 413 -4.47 5.95 10.52
C VAL B 413 -5.28 7.24 10.59
N GLY B 414 -5.46 7.89 9.45
CA GLY B 414 -6.22 9.11 9.38
C GLY B 414 -6.58 9.45 7.95
N LEU B 415 -6.88 10.73 7.72
CA LEU B 415 -7.37 11.16 6.42
C LEU B 415 -6.25 11.21 5.39
N ASN B 416 -5.09 11.78 5.76
CA ASN B 416 -3.96 11.90 4.86
C ASN B 416 -2.75 11.11 5.36
N MET B 417 -2.96 10.13 6.22
CA MET B 417 -1.87 9.44 6.90
C MET B 417 -1.91 7.95 6.60
N ASN B 418 -0.73 7.35 6.46
CA ASN B 418 -0.57 5.91 6.31
C ASN B 418 0.69 5.49 7.05
N GLY B 419 1.05 4.21 6.90
CA GLY B 419 2.12 3.66 7.73
C GLY B 419 3.49 4.26 7.42
N TYR B 420 3.87 4.28 6.14
CA TYR B 420 5.22 4.75 5.81
C TYR B 420 5.32 6.27 5.84
N PHE B 421 4.23 6.98 5.58
CA PHE B 421 4.26 8.43 5.74
C PHE B 421 4.60 8.80 7.18
N HIS B 422 4.09 8.04 8.15
CA HIS B 422 4.31 8.36 9.56
C HIS B 422 5.75 8.10 9.97
N GLU B 423 6.24 6.89 9.70
CA GLU B 423 7.58 6.51 10.15
C GLU B 423 8.68 7.29 9.42
N ALA B 424 8.38 7.88 8.26
CA ALA B 424 9.40 8.66 7.55
C ALA B 424 9.53 10.07 8.11
N TYR B 425 8.41 10.69 8.51
CA TYR B 425 8.41 12.10 8.87
C TYR B 425 7.97 12.41 10.29
N PHE B 426 7.42 11.43 11.02
CA PHE B 426 6.87 11.75 12.33
C PHE B 426 7.41 10.88 13.46
N LYS B 427 7.87 9.66 13.14
CA LYS B 427 8.26 8.72 14.20
C LYS B 427 9.45 9.23 14.99
N LYS B 428 10.46 9.78 14.31
CA LYS B 428 11.65 10.30 14.96
C LYS B 428 11.55 11.79 15.30
N HIS B 429 10.34 12.32 15.44
CA HIS B 429 10.16 13.72 15.81
C HIS B 429 10.36 13.87 17.32
N LYS B 430 11.12 14.89 17.72
CA LYS B 430 11.52 15.02 19.11
C LYS B 430 10.39 15.58 19.97
N PHE B 431 10.37 15.13 21.22
CA PHE B 431 9.26 15.37 22.15
C PHE B 431 9.82 15.62 23.53
N ASN B 432 9.40 16.72 24.18
CA ASN B 432 9.96 17.11 25.46
C ASN B 432 9.42 16.25 26.60
N THR B 433 10.33 15.80 27.47
CA THR B 433 9.97 14.98 28.62
C THR B 433 10.40 15.60 29.94
N VAL B 434 11.08 16.74 29.92
CA VAL B 434 11.58 17.35 31.16
C VAL B 434 10.49 18.22 31.76
N PRO B 435 10.17 18.06 33.04
CA PRO B 435 9.08 18.83 33.65
C PRO B 435 9.50 20.25 34.04
N GLY B 436 8.54 21.16 33.91
CA GLY B 436 8.70 22.52 34.43
C GLY B 436 9.86 23.30 33.87
N VAL B 437 10.08 23.23 32.56
CA VAL B 437 11.17 23.98 31.94
C VAL B 437 10.85 25.47 31.95
N GLN B 438 11.77 26.27 32.50
CA GLN B 438 11.66 27.72 32.47
C GLN B 438 12.25 28.23 31.16
N LEU B 439 11.41 28.85 30.34
CA LEU B 439 11.83 29.34 29.02
C LEU B 439 12.84 30.47 29.17
N ARG B 440 13.74 30.57 28.19
CA ARG B 440 14.85 31.52 28.25
C ARG B 440 14.51 32.78 27.47
N ASN B 441 14.46 33.91 28.17
CA ASN B 441 14.36 35.25 27.58
C ASN B 441 13.19 35.35 26.60
N VAL B 442 11.99 35.12 27.14
CA VAL B 442 10.79 35.03 26.29
C VAL B 442 10.54 36.37 25.58
N ASP B 443 10.83 37.49 26.26
CA ASP B 443 10.47 38.78 25.70
C ASP B 443 11.26 39.14 24.44
N SER B 444 12.38 38.47 24.19
CA SER B 444 13.14 38.72 22.97
C SER B 444 12.50 38.07 21.74
N LEU B 445 11.30 37.50 21.88
CA LEU B 445 10.56 36.93 20.76
C LEU B 445 9.58 37.92 20.12
N LYS B 446 9.42 39.11 20.68
CA LYS B 446 8.67 40.16 19.99
C LYS B 446 9.41 40.60 18.72
N LYS B 447 8.65 41.17 17.79
CA LYS B 447 9.08 41.32 16.40
C LYS B 447 10.47 41.94 16.28
N GLU B 448 10.66 43.12 16.86
CA GLU B 448 11.92 43.83 16.66
C GLU B 448 13.02 43.33 17.59
N ALA B 449 12.67 42.84 18.78
CA ALA B 449 13.68 42.27 19.66
C ALA B 449 14.26 40.98 19.07
N TYR B 450 13.47 40.26 18.27
CA TYR B 450 13.96 39.01 17.69
C TYR B 450 15.00 39.27 16.61
N GLU B 451 14.86 40.37 15.85
CA GLU B 451 15.88 40.71 14.86
C GLU B 451 17.21 41.02 15.53
N VAL B 452 17.18 41.58 16.75
CA VAL B 452 18.41 41.78 17.50
C VAL B 452 18.99 40.42 17.92
N GLU B 453 18.13 39.51 18.39
CA GLU B 453 18.62 38.20 18.81
C GLU B 453 19.25 37.43 17.65
N VAL B 454 18.59 37.45 16.49
CA VAL B 454 19.14 36.78 15.32
C VAL B 454 20.48 37.40 14.93
N HIS B 455 20.56 38.73 14.95
CA HIS B 455 21.80 39.39 14.57
C HIS B 455 22.93 39.12 15.56
N ARG B 456 22.60 38.89 16.83
CA ARG B 456 23.65 38.62 17.80
C ARG B 456 24.23 37.23 17.59
N LEU B 457 23.38 36.27 17.20
CA LEU B 457 23.85 34.92 16.91
C LEU B 457 24.74 34.89 15.67
N LEU B 458 24.33 35.58 14.60
CA LEU B 458 25.16 35.64 13.40
C LEU B 458 26.50 36.30 13.69
N SER B 459 26.52 37.31 14.56
CA SER B 459 27.75 38.02 14.86
C SER B 459 28.80 37.10 15.46
N GLU B 460 28.37 36.14 16.29
CA GLU B 460 29.29 35.21 16.93
C GLU B 460 29.39 33.87 16.20
N ALA B 461 28.68 33.70 15.09
CA ALA B 461 28.68 32.44 14.37
C ALA B 461 29.96 32.28 13.56
N GLU B 462 30.56 31.10 13.63
CA GLU B 462 31.74 30.76 12.84
C GLU B 462 31.29 30.28 11.47
N VAL B 463 31.85 30.89 10.42
CA VAL B 463 31.47 30.55 9.06
C VAL B 463 32.07 29.21 8.69
N LEU B 464 31.21 28.27 8.30
CA LEU B 464 31.68 26.95 7.91
C LEU B 464 32.43 27.02 6.58
N ASP B 465 33.18 25.96 6.31
CA ASP B 465 33.96 25.87 5.09
C ASP B 465 33.04 25.36 4.00
N HIS B 466 32.76 26.21 3.02
CA HIS B 466 31.83 25.88 1.95
C HIS B 466 32.50 25.07 0.83
N SER B 467 33.69 24.53 1.07
CA SER B 467 34.32 23.66 0.07
C SER B 467 33.82 22.23 0.16
N LYS B 468 33.25 21.86 1.30
CA LYS B 468 32.91 20.48 1.60
C LYS B 468 31.47 20.19 1.20
N ASN B 469 31.09 18.93 1.33
CA ASN B 469 29.72 18.52 1.05
C ASN B 469 28.84 18.81 2.27
N PRO B 470 27.79 19.61 2.14
CA PRO B 470 26.97 19.99 3.30
C PRO B 470 26.07 18.87 3.82
N CYS B 471 26.10 17.69 3.20
CA CYS B 471 25.19 16.61 3.54
C CYS B 471 25.83 15.54 4.43
N GLU B 472 27.06 15.72 4.88
CA GLU B 472 27.71 14.73 5.72
C GLU B 472 28.28 15.41 6.97
N ASP B 473 28.52 14.60 8.00
CA ASP B 473 28.92 15.11 9.30
C ASP B 473 30.26 15.84 9.28
N SER B 474 31.12 15.55 8.30
CA SER B 474 32.39 16.26 8.20
C SER B 474 32.21 17.74 7.88
N PHE B 475 31.01 18.17 7.50
CA PHE B 475 30.76 19.59 7.25
C PHE B 475 30.95 20.43 8.50
N LEU B 476 30.63 19.87 9.66
CA LEU B 476 30.77 20.58 10.92
C LEU B 476 31.94 20.03 11.71
N PRO B 477 32.80 20.89 12.26
CA PRO B 477 33.86 20.43 13.16
C PRO B 477 33.29 19.56 14.28
N ASP B 478 34.12 18.63 14.75
CA ASP B 478 33.72 17.77 15.87
C ASP B 478 33.78 18.58 17.15
N THR B 479 32.64 19.12 17.58
CA THR B 479 32.56 19.90 18.81
C THR B 479 31.10 19.96 19.23
N GLU B 480 30.87 20.53 20.41
CA GLU B 480 29.53 20.70 20.95
C GLU B 480 29.41 22.08 21.57
N GLY B 481 28.20 22.65 21.48
CA GLY B 481 27.91 23.94 22.06
C GLY B 481 28.28 25.15 21.23
N HIS B 482 28.82 24.96 20.02
CA HIS B 482 29.22 26.07 19.17
C HIS B 482 28.06 26.47 18.25
N THR B 483 28.26 27.58 17.54
CA THR B 483 27.26 28.11 16.61
C THR B 483 27.92 28.30 15.25
N TYR B 484 27.30 27.73 14.21
CA TYR B 484 27.83 27.79 12.86
C TYR B 484 26.77 28.30 11.90
N VAL B 485 27.23 28.91 10.81
CA VAL B 485 26.35 29.45 9.78
C VAL B 485 26.84 28.99 8.41
N ALA B 486 25.90 28.70 7.52
CA ALA B 486 26.20 28.35 6.13
C ALA B 486 25.24 29.11 5.23
N PHE B 487 25.66 29.35 3.99
CA PHE B 487 24.92 30.18 3.05
C PHE B 487 24.53 29.35 1.83
N ILE B 488 23.26 29.41 1.47
CA ILE B 488 22.73 28.70 0.31
C ILE B 488 22.17 29.71 -0.68
N ARG B 489 22.06 29.27 -1.94
CA ARG B 489 21.58 30.16 -3.00
C ARG B 489 20.08 30.37 -2.88
N MET B 490 19.66 31.63 -2.84
CA MET B 490 18.25 32.01 -2.75
C MET B 490 18.13 33.36 -3.46
N GLU B 491 17.88 33.30 -4.77
CA GLU B 491 17.84 34.50 -5.59
CA GLU B 491 17.86 34.52 -5.57
C GLU B 491 16.59 35.34 -5.34
N LYS B 492 15.51 34.71 -4.87
CA LYS B 492 14.26 35.42 -4.63
C LYS B 492 13.63 34.98 -3.32
N ASP B 493 12.56 35.68 -2.93
CA ASP B 493 11.76 35.31 -1.76
C ASP B 493 11.08 33.96 -1.93
N ASP B 494 11.12 33.39 -3.13
CA ASP B 494 10.43 32.15 -3.45
C ASP B 494 11.38 31.03 -3.85
N ASP B 495 12.66 31.35 -4.10
CA ASP B 495 13.66 30.38 -4.57
C ASP B 495 14.10 29.50 -3.40
N PHE B 496 13.36 28.42 -3.18
CA PHE B 496 13.69 27.46 -2.13
C PHE B 496 14.32 26.19 -2.68
N THR B 497 14.88 26.24 -3.89
CA THR B 497 15.38 25.04 -4.54
C THR B 497 16.47 24.37 -3.72
N THR B 498 17.50 25.12 -3.34
CA THR B 498 18.64 24.51 -2.65
C THR B 498 18.25 24.01 -1.26
N TRP B 499 17.37 24.74 -0.56
CA TRP B 499 17.03 24.32 0.79
C TRP B 499 16.22 23.02 0.79
N THR B 500 15.34 22.86 -0.20
CA THR B 500 14.53 21.64 -0.27
C THR B 500 15.42 20.40 -0.40
N GLN B 501 16.53 20.51 -1.15
CA GLN B 501 17.44 19.38 -1.26
C GLN B 501 18.32 19.24 -0.03
N LEU B 502 18.72 20.36 0.57
CA LEU B 502 19.49 20.29 1.82
C LEU B 502 18.67 19.63 2.92
N ALA B 503 17.37 19.93 2.98
CA ALA B 503 16.50 19.30 3.96
C ALA B 503 16.33 17.81 3.69
N LYS B 504 16.46 17.39 2.43
CA LYS B 504 16.28 15.99 2.09
C LYS B 504 17.44 15.14 2.61
N CYS B 505 18.67 15.59 2.40
CA CYS B 505 19.82 14.83 2.84
C CYS B 505 20.08 14.96 4.34
N LEU B 506 19.54 15.99 4.98
CA LEU B 506 19.57 16.08 6.44
C LEU B 506 18.47 15.25 7.09
N HIS B 507 17.59 14.63 6.28
CA HIS B 507 16.53 13.76 6.78
C HIS B 507 15.61 14.50 7.74
N ILE B 508 15.08 15.63 7.28
CA ILE B 508 14.05 16.37 8.02
C ILE B 508 12.89 16.63 7.07
N TRP B 509 12.04 17.60 7.40
CA TRP B 509 10.86 17.84 6.57
C TRP B 509 11.27 18.53 5.27
N ASP B 510 10.96 17.89 4.14
CA ASP B 510 11.29 18.44 2.83
C ASP B 510 10.12 18.48 1.86
N LEU B 511 8.92 18.09 2.29
CA LEU B 511 7.80 17.99 1.36
C LEU B 511 7.30 19.36 0.92
N ASP B 512 7.36 20.35 1.81
CA ASP B 512 7.06 21.73 1.47
C ASP B 512 7.81 22.60 2.47
N VAL B 513 8.24 23.78 2.00
CA VAL B 513 9.20 24.58 2.75
C VAL B 513 8.62 24.95 4.11
N ARG B 514 9.43 24.75 5.16
CA ARG B 514 8.99 25.00 6.53
C ARG B 514 10.18 25.36 7.40
N GLY B 515 9.90 26.14 8.44
CA GLY B 515 10.91 26.54 9.40
C GLY B 515 11.71 27.77 9.04
N ASN B 516 11.27 28.56 8.05
CA ASN B 516 12.02 29.70 7.57
C ASN B 516 11.52 31.01 8.18
N HIS B 517 12.44 31.94 8.35
CA HIS B 517 12.14 33.28 8.86
C HIS B 517 13.05 34.26 8.12
N ARG B 518 12.46 35.05 7.22
CA ARG B 518 13.21 36.00 6.41
CA ARG B 518 13.21 36.01 6.42
C ARG B 518 14.41 35.34 5.75
N GLY B 519 14.21 34.11 5.26
CA GLY B 519 15.28 33.38 4.61
C GLY B 519 16.32 32.81 5.54
N LEU B 520 15.98 32.61 6.81
CA LEU B 520 16.88 32.01 7.79
C LEU B 520 16.24 30.73 8.34
N TRP B 521 17.05 29.69 8.48
CA TRP B 521 16.66 28.45 9.13
C TRP B 521 17.59 28.17 10.31
N ARG B 522 17.02 27.83 11.45
CA ARG B 522 17.78 27.52 12.64
C ARG B 522 17.48 26.10 13.11
N LEU B 523 18.53 25.33 13.34
CA LEU B 523 18.40 23.97 13.83
C LEU B 523 19.73 23.58 14.49
N PHE B 524 19.84 22.32 14.89
CA PHE B 524 21.04 21.80 15.52
C PHE B 524 21.60 20.64 14.69
N ARG B 525 22.93 20.53 14.70
CA ARG B 525 23.62 19.39 14.11
C ARG B 525 24.77 19.03 15.04
N LYS B 526 24.75 17.80 15.56
CA LYS B 526 25.78 17.32 16.50
C LYS B 526 25.90 18.26 17.70
N LYS B 527 24.76 18.69 18.24
CA LYS B 527 24.67 19.51 19.44
C LYS B 527 25.19 20.93 19.21
N ASN B 528 25.37 21.37 17.97
CA ASN B 528 25.79 22.74 17.70
C ASN B 528 24.67 23.49 16.99
N HIS B 529 24.45 24.74 17.39
CA HIS B 529 23.45 25.55 16.69
C HIS B 529 23.92 25.78 15.26
N PHE B 530 22.97 25.70 14.32
CA PHE B 530 23.27 25.67 12.90
C PHE B 530 22.34 26.63 12.17
N LEU B 531 22.91 27.64 11.53
CA LEU B 531 22.15 28.69 10.87
C LEU B 531 22.30 28.54 9.35
N VAL B 532 21.18 28.46 8.66
CA VAL B 532 21.15 28.40 7.20
C VAL B 532 20.55 29.70 6.69
N VAL B 533 21.30 30.42 5.86
CA VAL B 533 20.92 31.74 5.38
C VAL B 533 20.95 31.74 3.85
N GLY B 534 19.84 32.15 3.24
CA GLY B 534 19.76 32.24 1.80
C GLY B 534 20.30 33.53 1.22
N VAL B 535 21.27 33.42 0.33
CA VAL B 535 21.87 34.58 -0.32
C VAL B 535 21.35 34.62 -1.76
N PRO B 536 21.00 35.80 -2.27
CA PRO B 536 20.95 37.16 -1.70
C PRO B 536 19.59 37.61 -1.16
N ALA B 537 18.61 36.71 -1.09
CA ALA B 537 17.26 37.14 -0.73
C ALA B 537 17.15 37.52 0.74
N SER B 538 17.88 36.84 1.63
CA SER B 538 17.72 37.09 3.05
C SER B 538 18.45 38.36 3.46
N PRO B 539 17.82 39.21 4.29
CA PRO B 539 18.53 40.38 4.83
C PRO B 539 19.74 40.02 5.68
N TYR B 540 19.90 38.75 6.08
CA TYR B 540 21.05 38.31 6.85
C TYR B 540 22.23 37.94 5.95
N SER B 541 22.16 38.25 4.66
CA SER B 541 23.27 38.01 3.75
C SER B 541 24.51 38.81 4.10
N VAL B 542 24.39 39.86 4.91
CA VAL B 542 25.54 40.73 5.19
C VAL B 542 26.64 39.97 5.92
N LYS B 543 26.27 38.97 6.72
CA LYS B 543 27.27 38.21 7.47
C LYS B 543 28.17 37.38 6.56
N LYS B 544 27.77 37.16 5.30
CA LYS B 544 28.53 36.29 4.42
C LYS B 544 29.82 36.97 3.95
N PRO B 545 30.98 36.36 4.16
CA PRO B 545 32.25 36.96 3.73
C PRO B 545 32.30 37.11 2.21
N PRO B 546 33.21 37.95 1.69
CA PRO B 546 33.26 38.15 0.24
C PRO B 546 33.72 36.93 -0.55
N SER B 547 34.72 36.19 -0.05
CA SER B 547 35.28 35.09 -0.83
C SER B 547 34.41 33.83 -0.82
N VAL B 548 33.48 33.71 0.13
CA VAL B 548 32.66 32.51 0.24
C VAL B 548 31.60 32.50 -0.84
N THR B 549 31.39 31.33 -1.46
CA THR B 549 30.38 31.17 -2.50
C THR B 549 29.20 30.38 -1.97
N PRO B 550 27.97 30.89 -2.09
CA PRO B 550 26.81 30.19 -1.53
C PRO B 550 26.61 28.81 -2.15
N ILE B 551 26.29 27.84 -1.29
CA ILE B 551 26.07 26.47 -1.74
C ILE B 551 24.86 26.41 -2.66
N PHE B 552 24.93 25.54 -3.65
CA PHE B 552 23.82 25.33 -4.57
C PHE B 552 23.62 23.84 -4.80
N LEU B 553 22.37 23.40 -4.69
CA LEU B 553 21.97 22.02 -4.96
C LEU B 553 20.78 22.03 -5.89
N GLU B 554 20.67 21.00 -6.73
CA GLU B 554 19.60 20.97 -7.71
C GLU B 554 18.91 19.62 -7.70
N PRO B 555 17.65 19.56 -8.13
CA PRO B 555 16.96 18.26 -8.24
C PRO B 555 17.53 17.46 -9.40
N PRO B 556 17.61 16.13 -9.25
CA PRO B 556 18.09 15.27 -10.35
C PRO B 556 17.01 15.01 -11.39
N ALA C 2 8.30 -14.64 -6.80
CA ALA C 2 7.61 -13.37 -6.59
C ALA C 2 6.17 -13.57 -6.15
N ALA C 3 5.65 -12.61 -5.39
CA ALA C 3 4.31 -12.76 -4.81
C ALA C 3 3.24 -12.66 -5.89
N PRO C 4 2.23 -13.55 -5.87
CA PRO C 4 1.21 -13.53 -6.93
C PRO C 4 0.22 -12.36 -6.86
N THR C 5 0.68 -11.11 -7.01
CA THR C 5 -0.26 -10.00 -6.94
C THR C 5 0.40 -8.74 -7.51
N PRO C 6 -0.40 -7.82 -8.07
CA PRO C 6 0.16 -6.49 -8.43
C PRO C 6 0.31 -5.55 -7.24
N VAL C 7 -0.35 -5.85 -6.11
CA VAL C 7 -0.24 -5.02 -4.92
C VAL C 7 1.17 -5.14 -4.34
N ALA C 8 1.63 -4.05 -3.72
CA ALA C 8 2.90 -4.06 -3.01
C ALA C 8 2.94 -5.22 -2.01
N ALA C 9 4.04 -5.99 -2.05
CA ALA C 9 4.21 -7.18 -1.21
C ALA C 9 5.49 -7.01 -0.39
N PRO C 10 5.45 -6.20 0.67
CA PRO C 10 6.63 -5.97 1.51
C PRO C 10 6.81 -7.06 2.58
N ALA D 2 -5.87 26.94 -0.10
CA ALA D 2 -6.17 26.54 -1.47
C ALA D 2 -5.07 25.65 -2.03
N ALA D 3 -4.05 25.35 -1.20
CA ALA D 3 -2.97 24.47 -1.61
C ALA D 3 -3.23 23.06 -1.10
N PRO D 4 -3.21 22.05 -1.95
CA PRO D 4 -3.47 20.68 -1.48
C PRO D 4 -2.31 20.16 -0.63
N THR D 5 -2.66 19.58 0.50
CA THR D 5 -1.65 19.19 1.48
C THR D 5 -0.92 17.93 1.01
N PRO D 6 0.40 17.83 1.26
CA PRO D 6 1.17 16.62 1.00
C PRO D 6 0.64 15.40 1.75
#